data_3R0P
#
_entry.id   3R0P
#
_cell.length_a   82.414
_cell.length_b   82.680
_cell.length_c   99.311
_cell.angle_alpha   90.00
_cell.angle_beta   90.00
_cell.angle_gamma   90.00
#
_symmetry.space_group_name_H-M   'P 21 21 21'
#
loop_
_entity.id
_entity.type
_entity.pdbx_description
1 polymer 'L-PSP putative endoribonuclease'
2 water water
#
_entity_poly.entity_id   1
_entity_poly.type   'polypeptide(L)'
_entity_poly.pdbx_seq_one_letter_code
;MTNKAIIHSDNAPAAIGTYSQAVKVNNTVYLSGQIPLDPVTMQLVEGDFAVQAHQVFKNLRAVCEAAGGGLRDIVKLNVY
LTDLANFPIVNEVMGQYFQAPYPARAAIGINQLPRASLIEADGIMVI
;
_entity_poly.pdbx_strand_id   A,B,C,D,E,F
#
# COMPACT_ATOMS: atom_id res chain seq x y z
N ASN A 3 20.65 -7.08 1.10
CA ASN A 3 20.30 -8.50 1.06
C ASN A 3 18.90 -8.73 0.53
N LYS A 4 17.90 -8.22 1.25
CA LYS A 4 16.52 -8.35 0.80
C LYS A 4 16.05 -7.03 0.21
N ALA A 5 15.31 -7.10 -0.90
CA ALA A 5 14.68 -5.91 -1.44
C ALA A 5 13.18 -6.13 -1.43
N ILE A 6 12.45 -5.11 -0.98
CA ILE A 6 11.00 -5.17 -1.01
C ILE A 6 10.47 -4.61 -2.32
N ILE A 7 9.58 -5.36 -2.95
CA ILE A 7 8.97 -4.92 -4.20
C ILE A 7 7.70 -4.11 -3.95
N HIS A 8 7.61 -2.94 -4.57
CA HIS A 8 6.39 -2.13 -4.55
C HIS A 8 6.01 -1.81 -6.00
N SER A 9 4.86 -2.31 -6.45
CA SER A 9 4.28 -1.87 -7.73
C SER A 9 3.02 -1.08 -7.43
N ASP A 10 2.88 0.10 -8.02
CA ASP A 10 1.65 0.86 -7.85
C ASP A 10 0.58 0.42 -8.86
N ASN A 11 0.93 -0.56 -9.68
CA ASN A 11 -0.01 -1.17 -10.62
C ASN A 11 -0.60 -2.48 -10.14
N ALA A 12 -0.24 -2.87 -8.92
CA ALA A 12 -0.86 -4.01 -8.25
C ALA A 12 -1.44 -3.53 -6.92
N PRO A 13 -2.39 -4.28 -6.36
CA PRO A 13 -2.99 -3.80 -5.11
C PRO A 13 -1.95 -3.58 -4.02
N ALA A 14 -2.06 -2.46 -3.32
CA ALA A 14 -1.15 -2.17 -2.21
C ALA A 14 -1.16 -3.30 -1.19
N ALA A 15 0.02 -3.65 -0.70
CA ALA A 15 0.10 -4.65 0.37
C ALA A 15 -0.20 -3.93 1.68
N ILE A 16 -1.43 -4.08 2.18
CA ILE A 16 -1.78 -3.44 3.44
C ILE A 16 -1.43 -4.37 4.60
N GLY A 17 -1.00 -3.81 5.72
CA GLY A 17 -0.70 -4.63 6.88
C GLY A 17 0.68 -5.27 6.84
N THR A 18 0.81 -6.45 7.44
CA THR A 18 2.15 -6.95 7.72
C THR A 18 2.72 -7.89 6.65
N TYR A 19 2.62 -7.48 5.39
CA TYR A 19 3.26 -8.25 4.32
C TYR A 19 3.76 -7.33 3.21
N SER A 20 4.59 -7.88 2.33
CA SER A 20 5.10 -7.16 1.16
C SER A 20 4.52 -7.81 -0.08
N GLN A 21 4.34 -7.03 -1.15
CA GLN A 21 3.86 -7.60 -2.41
C GLN A 21 4.80 -8.70 -2.88
N ALA A 22 6.10 -8.47 -2.71
CA ALA A 22 7.09 -9.50 -3.01
C ALA A 22 8.41 -9.15 -2.32
N VAL A 23 9.25 -10.17 -2.13
CA VAL A 23 10.58 -9.96 -1.56
C VAL A 23 11.57 -10.58 -2.53
N LYS A 24 12.60 -9.83 -2.86
CA LYS A 24 13.60 -10.29 -3.81
C LYS A 24 14.96 -10.44 -3.12
N VAL A 25 15.59 -11.60 -3.31
CA VAL A 25 16.88 -11.87 -2.70
C VAL A 25 17.74 -12.68 -3.67
N ASN A 26 18.86 -12.12 -4.09
CA ASN A 26 19.77 -12.79 -5.03
C ASN A 26 19.07 -13.39 -6.27
N ASN A 27 18.29 -12.58 -6.98
CA ASN A 27 17.65 -13.03 -8.22
C ASN A 27 16.45 -13.97 -8.08
N THR A 28 16.13 -14.39 -6.86
CA THR A 28 14.89 -15.10 -6.62
C THR A 28 13.85 -14.17 -6.01
N VAL A 29 12.64 -14.17 -6.57
CA VAL A 29 11.58 -13.30 -6.08
C VAL A 29 10.42 -14.13 -5.54
N TYR A 30 10.11 -13.92 -4.27
CA TYR A 30 8.98 -14.57 -3.63
C TYR A 30 7.73 -13.69 -3.71
N LEU A 31 6.74 -14.17 -4.44
CA LEU A 31 5.54 -13.38 -4.71
C LEU A 31 4.41 -13.71 -3.74
N SER A 32 3.81 -12.68 -3.15
CA SER A 32 2.60 -12.87 -2.34
C SER A 32 1.41 -13.31 -3.19
N GLY A 33 0.42 -13.90 -2.54
CA GLY A 33 -0.82 -14.23 -3.20
C GLY A 33 -1.54 -13.00 -3.72
N GLN A 34 -1.95 -13.04 -4.99
CA GLN A 34 -2.75 -11.96 -5.56
C GLN A 34 -4.16 -12.47 -5.76
N ILE A 35 -5.14 -11.62 -5.45
CA ILE A 35 -6.54 -11.90 -5.71
C ILE A 35 -7.05 -10.90 -6.78
N PRO A 36 -8.31 -11.05 -7.23
CA PRO A 36 -8.72 -10.22 -8.38
C PRO A 36 -9.12 -8.79 -7.99
N LEU A 37 -8.41 -8.19 -7.02
CA LEU A 37 -8.63 -6.78 -6.67
C LEU A 37 -8.21 -5.83 -7.79
N ASP A 38 -9.06 -4.85 -8.09
CA ASP A 38 -8.65 -3.74 -8.94
C ASP A 38 -7.79 -2.82 -8.07
N PRO A 39 -6.54 -2.58 -8.49
CA PRO A 39 -5.64 -1.82 -7.61
C PRO A 39 -6.16 -0.39 -7.37
N VAL A 40 -6.98 0.11 -8.29
CA VAL A 40 -7.56 1.45 -8.14
C VAL A 40 -8.60 1.47 -7.04
N THR A 41 -9.56 0.56 -7.09
CA THR A 41 -10.69 0.61 -6.17
C THR A 41 -10.45 -0.17 -4.90
N MET A 42 -9.50 -1.10 -4.96
CA MET A 42 -9.31 -2.11 -3.92
C MET A 42 -10.60 -2.86 -3.63
N GLN A 43 -11.41 -3.03 -4.68
CA GLN A 43 -12.53 -3.97 -4.65
C GLN A 43 -12.29 -4.99 -5.78
N LEU A 44 -12.95 -6.15 -5.70
CA LEU A 44 -12.83 -7.15 -6.77
C LEU A 44 -13.30 -6.55 -8.09
N VAL A 45 -12.66 -6.96 -9.19
CA VAL A 45 -13.16 -6.59 -10.50
C VAL A 45 -14.53 -7.23 -10.67
N GLU A 46 -15.42 -6.57 -11.40
CA GLU A 46 -16.75 -7.12 -11.66
C GLU A 46 -16.71 -8.00 -12.91
N GLY A 47 -17.38 -9.14 -12.85
CA GLY A 47 -17.39 -10.07 -13.97
C GLY A 47 -17.29 -11.53 -13.58
N ASP A 48 -17.33 -12.42 -14.57
CA ASP A 48 -17.32 -13.85 -14.32
C ASP A 48 -15.92 -14.36 -13.97
N PHE A 49 -15.79 -15.67 -13.83
CA PHE A 49 -14.53 -16.20 -13.35
C PHE A 49 -13.36 -15.79 -14.23
N ALA A 50 -13.54 -15.85 -15.55
CA ALA A 50 -12.47 -15.46 -16.47
C ALA A 50 -11.97 -14.03 -16.20
N VAL A 51 -12.89 -13.09 -15.97
CA VAL A 51 -12.47 -11.73 -15.64
C VAL A 51 -11.62 -11.69 -14.37
N GLN A 52 -12.05 -12.42 -13.34
CA GLN A 52 -11.28 -12.53 -12.10
C GLN A 52 -9.89 -13.11 -12.35
N ALA A 53 -9.82 -14.16 -13.18
CA ALA A 53 -8.52 -14.82 -13.44
C ALA A 53 -7.61 -13.86 -14.18
N HIS A 54 -8.14 -13.16 -15.17
CA HIS A 54 -7.34 -12.15 -15.86
C HIS A 54 -6.75 -11.15 -14.87
N GLN A 55 -7.57 -10.68 -13.93
CA GLN A 55 -7.08 -9.67 -12.98
C GLN A 55 -5.98 -10.23 -12.08
N VAL A 56 -6.11 -11.48 -11.67
CA VAL A 56 -5.06 -12.08 -10.86
C VAL A 56 -3.74 -12.05 -11.62
N PHE A 57 -3.77 -12.42 -12.90
CA PHE A 57 -2.51 -12.45 -13.66
C PHE A 57 -1.96 -11.07 -14.01
N LYS A 58 -2.84 -10.12 -14.28
CA LYS A 58 -2.42 -8.72 -14.43
C LYS A 58 -1.71 -8.19 -13.18
N ASN A 59 -2.32 -8.46 -12.02
CA ASN A 59 -1.71 -8.12 -10.74
C ASN A 59 -0.33 -8.76 -10.54
N LEU A 60 -0.23 -10.06 -10.77
CA LEU A 60 1.06 -10.73 -10.62
C LEU A 60 2.08 -10.14 -11.59
N ARG A 61 1.66 -9.91 -12.83
CA ARG A 61 2.58 -9.37 -13.82
C ARG A 61 3.15 -8.03 -13.34
N ALA A 62 2.30 -7.18 -12.78
CA ALA A 62 2.75 -5.88 -12.27
C ALA A 62 3.80 -6.04 -11.19
N VAL A 63 3.59 -6.98 -10.28
CA VAL A 63 4.60 -7.23 -9.26
C VAL A 63 5.89 -7.75 -9.90
N CYS A 64 5.77 -8.68 -10.85
CA CYS A 64 6.95 -9.24 -11.52
C CYS A 64 7.73 -8.14 -12.23
N GLU A 65 7.03 -7.25 -12.92
CA GLU A 65 7.67 -6.12 -13.60
C GLU A 65 8.39 -5.19 -12.64
N ALA A 66 7.76 -4.87 -11.51
CA ALA A 66 8.43 -4.05 -10.50
C ALA A 66 9.66 -4.75 -9.95
N ALA A 67 9.69 -6.08 -10.06
CA ALA A 67 10.81 -6.85 -9.53
C ALA A 67 11.93 -7.00 -10.55
N GLY A 68 11.75 -6.40 -11.72
CA GLY A 68 12.78 -6.40 -12.74
C GLY A 68 12.63 -7.50 -13.79
N GLY A 69 11.48 -8.15 -13.81
CA GLY A 69 11.27 -9.25 -14.74
C GLY A 69 9.88 -9.25 -15.31
N GLY A 70 9.31 -10.44 -15.48
CA GLY A 70 7.95 -10.57 -15.96
C GLY A 70 7.39 -11.94 -15.60
N LEU A 71 6.17 -12.23 -16.05
CA LEU A 71 5.54 -13.51 -15.77
C LEU A 71 6.38 -14.67 -16.31
N ARG A 72 7.12 -14.41 -17.39
CA ARG A 72 7.97 -15.41 -18.02
C ARG A 72 9.06 -15.89 -17.08
N ASP A 73 9.35 -15.12 -16.04
CA ASP A 73 10.36 -15.51 -15.07
C ASP A 73 9.83 -16.33 -13.90
N ILE A 74 8.50 -16.51 -13.84
CA ILE A 74 7.91 -17.32 -12.79
C ILE A 74 8.28 -18.79 -13.03
N VAL A 75 8.78 -19.46 -11.99
CA VAL A 75 9.18 -20.86 -12.11
C VAL A 75 8.17 -21.79 -11.44
N LYS A 76 7.39 -21.25 -10.52
CA LYS A 76 6.40 -22.06 -9.81
C LYS A 76 5.20 -21.17 -9.49
N LEU A 77 4.02 -21.69 -9.77
CA LEU A 77 2.81 -20.95 -9.50
C LEU A 77 1.88 -21.83 -8.68
N ASN A 78 1.37 -21.29 -7.58
CA ASN A 78 0.31 -21.98 -6.82
C ASN A 78 -1.02 -21.32 -7.13
N VAL A 79 -2.00 -22.11 -7.57
CA VAL A 79 -3.31 -21.58 -7.88
C VAL A 79 -4.36 -22.17 -6.95
N TYR A 80 -5.03 -21.29 -6.21
CA TYR A 80 -6.09 -21.69 -5.27
C TYR A 80 -7.44 -21.28 -5.83
N LEU A 81 -8.36 -22.25 -5.93
CA LEU A 81 -9.69 -21.98 -6.45
C LEU A 81 -10.74 -22.42 -5.44
N THR A 82 -11.80 -21.64 -5.30
CA THR A 82 -12.93 -22.07 -4.48
C THR A 82 -13.67 -23.22 -5.16
N ASP A 83 -13.54 -23.32 -6.48
CA ASP A 83 -14.23 -24.37 -7.24
C ASP A 83 -13.37 -24.85 -8.42
N LEU A 84 -12.91 -26.09 -8.39
CA LEU A 84 -12.06 -26.61 -9.46
C LEU A 84 -12.80 -26.78 -10.79
N ALA A 85 -14.12 -26.68 -10.75
CA ALA A 85 -14.89 -26.67 -11.98
C ALA A 85 -14.43 -25.51 -12.86
N ASN A 86 -13.85 -24.50 -12.22
CA ASN A 86 -13.36 -23.33 -12.93
C ASN A 86 -11.97 -23.51 -13.54
N PHE A 87 -11.32 -24.62 -13.24
CA PHE A 87 -9.93 -24.75 -13.64
C PHE A 87 -9.61 -24.73 -15.14
N PRO A 88 -10.50 -25.27 -15.99
CA PRO A 88 -10.19 -25.16 -17.42
C PRO A 88 -10.04 -23.70 -17.88
N ILE A 89 -10.81 -22.80 -17.29
CA ILE A 89 -10.68 -21.37 -17.60
C ILE A 89 -9.29 -20.88 -17.17
N VAL A 90 -8.76 -21.43 -16.09
CA VAL A 90 -7.42 -21.01 -15.65
C VAL A 90 -6.36 -21.38 -16.69
N ASN A 91 -6.41 -22.60 -17.21
CA ASN A 91 -5.52 -23.03 -18.29
C ASN A 91 -5.62 -22.09 -19.48
N GLU A 92 -6.85 -21.81 -19.84
CA GLU A 92 -7.13 -20.95 -20.98
C GLU A 92 -6.55 -19.56 -20.77
N VAL A 93 -6.88 -18.95 -19.64
CA VAL A 93 -6.38 -17.61 -19.34
C VAL A 93 -4.85 -17.60 -19.21
N MET A 94 -4.29 -18.59 -18.50
CA MET A 94 -2.84 -18.65 -18.35
C MET A 94 -2.13 -18.68 -19.72
N GLY A 95 -2.77 -19.31 -20.69
CA GLY A 95 -2.18 -19.43 -22.02
C GLY A 95 -1.96 -18.08 -22.66
N GLN A 96 -2.74 -17.10 -22.22
CA GLN A 96 -2.63 -15.73 -22.75
C GLN A 96 -1.52 -14.94 -22.08
N TYR A 97 -1.09 -15.39 -20.90
CA TYR A 97 -0.12 -14.65 -20.09
C TYR A 97 1.25 -15.31 -20.04
N PHE A 98 1.27 -16.61 -20.28
CA PHE A 98 2.51 -17.37 -20.29
C PHE A 98 2.72 -18.07 -21.62
N GLN A 99 3.98 -18.18 -22.03
CA GLN A 99 4.33 -18.97 -23.20
C GLN A 99 5.24 -20.11 -22.75
N ALA A 100 5.21 -21.22 -23.48
CA ALA A 100 6.13 -22.32 -23.21
C ALA A 100 7.53 -21.75 -23.25
N PRO A 101 8.40 -22.16 -22.32
CA PRO A 101 8.20 -23.15 -21.26
C PRO A 101 7.37 -22.62 -20.08
N TYR A 102 6.34 -23.38 -19.71
CA TYR A 102 5.45 -22.98 -18.62
C TYR A 102 6.05 -23.28 -17.25
N PRO A 103 5.61 -22.52 -16.24
CA PRO A 103 6.10 -22.78 -14.88
C PRO A 103 5.56 -24.09 -14.33
N ALA A 104 6.21 -24.59 -13.28
CA ALA A 104 5.65 -25.67 -12.50
C ALA A 104 4.40 -25.10 -11.85
N ARG A 105 3.47 -25.97 -11.50
CA ARG A 105 2.20 -25.50 -10.98
C ARG A 105 1.59 -26.49 -10.01
N ALA A 106 0.93 -25.97 -8.98
CA ALA A 106 0.07 -26.78 -8.13
C ALA A 106 -1.28 -26.11 -8.14
N ALA A 107 -2.32 -26.92 -8.31
CA ALA A 107 -3.68 -26.42 -8.40
C ALA A 107 -4.49 -27.06 -7.31
N ILE A 108 -5.04 -26.23 -6.42
CA ILE A 108 -5.71 -26.73 -5.24
C ILE A 108 -7.09 -26.13 -5.07
N GLY A 109 -8.06 -26.98 -4.76
CA GLY A 109 -9.41 -26.53 -4.46
C GLY A 109 -9.51 -26.27 -2.97
N ILE A 110 -9.74 -25.02 -2.61
CA ILE A 110 -9.81 -24.66 -1.19
C ILE A 110 -11.19 -24.16 -0.78
N ASN A 111 -11.33 -23.73 0.46
CA ASN A 111 -12.64 -23.39 0.99
C ASN A 111 -13.02 -21.92 0.80
N GLN A 112 -12.12 -21.03 1.18
CA GLN A 112 -12.38 -19.60 0.99
C GLN A 112 -11.12 -18.78 0.78
N LEU A 113 -11.29 -17.60 0.19
CA LEU A 113 -10.17 -16.74 -0.12
C LEU A 113 -10.47 -15.34 0.37
N PRO A 114 -9.43 -14.50 0.52
CA PRO A 114 -9.67 -13.11 0.90
C PRO A 114 -10.68 -12.42 -0.03
N ARG A 115 -11.51 -11.57 0.56
CA ARG A 115 -12.50 -10.79 -0.17
C ARG A 115 -13.49 -11.66 -0.95
N ALA A 116 -13.59 -12.93 -0.58
CA ALA A 116 -14.53 -13.84 -1.24
C ALA A 116 -14.16 -14.09 -2.70
N SER A 117 -12.88 -13.90 -3.00
CA SER A 117 -12.35 -14.17 -4.34
C SER A 117 -12.58 -15.62 -4.78
N LEU A 118 -12.61 -15.84 -6.10
CA LEU A 118 -12.77 -17.18 -6.64
C LEU A 118 -11.42 -17.80 -6.98
N ILE A 119 -10.39 -16.98 -6.98
CA ILE A 119 -9.05 -17.43 -7.34
C ILE A 119 -7.98 -16.55 -6.69
N GLU A 120 -6.93 -17.18 -6.21
CA GLU A 120 -5.74 -16.49 -5.73
C GLU A 120 -4.55 -17.25 -6.28
N ALA A 121 -3.50 -16.55 -6.67
CA ALA A 121 -2.31 -17.25 -7.13
C ALA A 121 -1.07 -16.60 -6.55
N ASP A 122 -0.10 -17.41 -6.13
CA ASP A 122 1.16 -16.85 -5.67
C ASP A 122 2.28 -17.62 -6.35
N GLY A 123 3.52 -17.31 -6.04
CA GLY A 123 4.58 -18.07 -6.68
C GLY A 123 5.98 -17.63 -6.41
N ILE A 124 6.88 -18.16 -7.24
CA ILE A 124 8.30 -17.88 -7.14
C ILE A 124 8.81 -17.57 -8.53
N MET A 125 9.58 -16.49 -8.63
CA MET A 125 10.15 -16.01 -9.87
C MET A 125 11.67 -16.06 -9.72
N VAL A 126 12.36 -16.46 -10.78
CA VAL A 126 13.82 -16.39 -10.80
C VAL A 126 14.22 -15.64 -12.06
N ILE A 127 14.95 -14.54 -11.91
CA ILE A 127 15.33 -13.75 -13.09
C ILE A 127 16.66 -14.20 -13.70
N ASN B 3 25.43 -27.45 0.26
CA ASN B 3 25.57 -27.56 1.71
C ASN B 3 24.23 -27.77 2.41
N LYS B 4 23.86 -29.04 2.57
CA LYS B 4 22.54 -29.41 3.09
C LYS B 4 22.56 -29.81 4.57
N ALA B 5 21.58 -29.31 5.33
CA ALA B 5 21.51 -29.64 6.75
C ALA B 5 20.08 -29.67 7.26
N ILE B 6 19.81 -30.66 8.11
CA ILE B 6 18.56 -30.75 8.84
C ILE B 6 18.63 -29.80 10.03
N ILE B 7 17.55 -29.05 10.23
CA ILE B 7 17.45 -28.15 11.39
C ILE B 7 16.58 -28.77 12.46
N HIS B 8 17.04 -28.72 13.70
CA HIS B 8 16.19 -29.07 14.83
C HIS B 8 16.38 -28.10 15.99
N SER B 9 15.28 -27.73 16.62
CA SER B 9 15.29 -26.90 17.82
C SER B 9 14.46 -27.61 18.87
N ASP B 10 14.96 -27.68 20.10
CA ASP B 10 14.17 -28.31 21.15
C ASP B 10 13.11 -27.37 21.72
N ASN B 11 13.04 -26.17 21.17
CA ASN B 11 11.99 -25.21 21.54
C ASN B 11 10.90 -25.10 20.48
N ALA B 12 10.96 -26.01 19.51
CA ALA B 12 9.88 -26.19 18.54
C ALA B 12 9.40 -27.63 18.63
N PRO B 13 8.09 -27.84 18.40
CA PRO B 13 7.56 -29.21 18.48
C PRO B 13 8.44 -30.22 17.74
N ALA B 14 8.67 -31.37 18.35
CA ALA B 14 9.46 -32.43 17.70
C ALA B 14 8.79 -32.87 16.41
N ALA B 15 9.60 -33.09 15.38
CA ALA B 15 9.09 -33.62 14.13
C ALA B 15 8.85 -35.12 14.31
N ILE B 16 7.60 -35.50 14.52
CA ILE B 16 7.24 -36.89 14.66
C ILE B 16 6.73 -37.42 13.33
N GLY B 17 7.48 -38.35 12.75
CA GLY B 17 7.10 -38.86 11.44
C GLY B 17 8.16 -38.58 10.40
N THR B 18 7.79 -38.70 9.14
CA THR B 18 8.76 -38.64 8.07
C THR B 18 8.95 -37.21 7.59
N TYR B 19 9.32 -36.33 8.50
CA TYR B 19 9.65 -34.96 8.11
C TYR B 19 10.61 -34.35 9.12
N SER B 20 11.24 -33.25 8.73
CA SER B 20 12.14 -32.49 9.61
C SER B 20 11.51 -31.15 9.87
N GLN B 21 11.89 -30.52 10.97
CA GLN B 21 11.37 -29.17 11.26
C GLN B 21 11.68 -28.17 10.14
N ALA B 22 12.88 -28.30 9.57
CA ALA B 22 13.28 -27.48 8.43
C ALA B 22 14.54 -28.05 7.79
N VAL B 23 14.75 -27.68 6.53
CA VAL B 23 15.95 -28.09 5.82
C VAL B 23 16.66 -26.88 5.26
N LYS B 24 17.97 -26.82 5.49
CA LYS B 24 18.75 -25.66 5.08
C LYS B 24 19.73 -26.04 3.99
N VAL B 25 19.68 -25.31 2.89
CA VAL B 25 20.60 -25.52 1.78
C VAL B 25 21.26 -24.20 1.46
N ASN B 26 22.58 -24.16 1.64
CA ASN B 26 23.30 -22.89 1.61
C ASN B 26 22.64 -21.90 2.58
N ASN B 27 22.10 -20.81 2.03
CA ASN B 27 21.49 -19.79 2.89
C ASN B 27 19.96 -19.80 2.89
N THR B 28 19.37 -20.74 2.15
CA THR B 28 17.92 -20.80 2.09
C THR B 28 17.40 -21.88 3.04
N VAL B 29 16.35 -21.57 3.79
CA VAL B 29 15.80 -22.53 4.75
C VAL B 29 14.32 -22.79 4.45
N TYR B 30 13.99 -24.06 4.25
CA TYR B 30 12.63 -24.48 3.97
C TYR B 30 11.98 -24.91 5.28
N LEU B 31 10.96 -24.16 5.70
CA LEU B 31 10.31 -24.37 7.00
C LEU B 31 9.09 -25.26 6.87
N SER B 32 9.02 -26.33 7.67
CA SER B 32 7.78 -27.10 7.78
C SER B 32 6.64 -26.29 8.36
N GLY B 33 5.42 -26.74 8.10
CA GLY B 33 4.25 -26.15 8.71
C GLY B 33 4.28 -26.29 10.23
N GLN B 34 4.02 -25.20 10.93
CA GLN B 34 3.89 -25.21 12.38
C GLN B 34 2.44 -24.96 12.78
N ILE B 35 1.95 -25.75 13.73
CA ILE B 35 0.64 -25.56 14.35
C ILE B 35 0.82 -25.12 15.81
N PRO B 36 -0.28 -24.76 16.49
CA PRO B 36 -0.14 -24.17 17.84
C PRO B 36 0.29 -25.16 18.92
N LEU B 37 1.13 -26.12 18.58
CA LEU B 37 1.62 -27.08 19.59
C LEU B 37 2.50 -26.40 20.62
N ASP B 38 2.28 -26.72 21.89
CA ASP B 38 3.27 -26.39 22.91
C ASP B 38 4.31 -27.49 22.83
N PRO B 39 5.57 -27.12 22.60
CA PRO B 39 6.59 -28.15 22.39
C PRO B 39 6.80 -29.01 23.63
N VAL B 40 6.40 -28.51 24.79
CA VAL B 40 6.55 -29.25 26.05
C VAL B 40 5.49 -30.33 26.19
N THR B 41 4.23 -29.93 26.10
CA THR B 41 3.10 -30.83 26.30
C THR B 41 2.80 -31.65 25.06
N MET B 42 3.22 -31.14 23.90
CA MET B 42 2.83 -31.70 22.61
C MET B 42 1.32 -31.79 22.44
N GLN B 43 0.63 -30.82 23.06
CA GLN B 43 -0.79 -30.60 22.85
C GLN B 43 -0.98 -29.15 22.45
N LEU B 44 -2.08 -28.83 21.78
CA LEU B 44 -2.36 -27.44 21.44
C LEU B 44 -2.39 -26.59 22.69
N VAL B 45 -1.72 -25.44 22.65
CA VAL B 45 -1.82 -24.46 23.73
C VAL B 45 -3.30 -24.14 23.92
N GLU B 46 -3.69 -23.84 25.15
CA GLU B 46 -5.07 -23.45 25.44
C GLU B 46 -5.25 -21.95 25.28
N GLY B 47 -6.34 -21.54 24.64
CA GLY B 47 -6.64 -20.12 24.50
C GLY B 47 -7.37 -19.76 23.22
N ASP B 48 -7.67 -18.48 23.04
CA ASP B 48 -8.38 -18.04 21.84
C ASP B 48 -7.50 -18.10 20.58
N PHE B 49 -8.04 -17.65 19.46
CA PHE B 49 -7.30 -17.72 18.21
C PHE B 49 -5.95 -17.01 18.34
N ALA B 50 -5.98 -15.83 18.94
CA ALA B 50 -4.76 -15.03 19.10
C ALA B 50 -3.65 -15.81 19.80
N VAL B 51 -4.03 -16.56 20.84
CA VAL B 51 -3.06 -17.37 21.57
C VAL B 51 -2.48 -18.44 20.65
N GLN B 52 -3.33 -19.06 19.85
CA GLN B 52 -2.83 -20.07 18.91
C GLN B 52 -1.89 -19.45 17.87
N ALA B 53 -2.24 -18.27 17.36
CA ALA B 53 -1.37 -17.60 16.39
C ALA B 53 -0.02 -17.25 17.01
N HIS B 54 -0.06 -16.72 18.23
CA HIS B 54 1.17 -16.49 19.00
C HIS B 54 2.07 -17.74 19.02
N GLN B 55 1.48 -18.90 19.29
CA GLN B 55 2.28 -20.11 19.43
C GLN B 55 2.88 -20.56 18.09
N VAL B 56 2.12 -20.38 17.02
CA VAL B 56 2.63 -20.70 15.69
C VAL B 56 3.89 -19.88 15.41
N PHE B 57 3.85 -18.58 15.71
CA PHE B 57 5.02 -17.74 15.44
C PHE B 57 6.19 -17.99 16.39
N LYS B 58 5.90 -18.28 17.65
CA LYS B 58 6.94 -18.72 18.58
C LYS B 58 7.63 -19.98 18.07
N ASN B 59 6.83 -20.93 17.58
CA ASN B 59 7.37 -22.18 17.04
C ASN B 59 8.26 -21.97 15.81
N LEU B 60 7.78 -21.18 14.84
CA LEU B 60 8.60 -20.82 13.69
C LEU B 60 9.88 -20.08 14.09
N ARG B 61 9.76 -19.14 15.03
CA ARG B 61 10.90 -18.37 15.51
C ARG B 61 12.00 -19.34 15.98
N ALA B 62 11.62 -20.35 16.74
CA ALA B 62 12.60 -21.28 17.29
C ALA B 62 13.31 -22.05 16.17
N VAL B 63 12.56 -22.46 15.15
CA VAL B 63 13.18 -23.14 14.01
C VAL B 63 14.13 -22.18 13.30
N CYS B 64 13.68 -20.94 13.07
CA CYS B 64 14.52 -19.94 12.42
C CYS B 64 15.80 -19.71 13.21
N GLU B 65 15.69 -19.60 14.53
CA GLU B 65 16.86 -19.41 15.36
C GLU B 65 17.81 -20.61 15.29
N ALA B 66 17.25 -21.81 15.33
CA ALA B 66 18.05 -23.03 15.20
C ALA B 66 18.73 -23.09 13.83
N ALA B 67 18.17 -22.37 12.85
CA ALA B 67 18.70 -22.35 11.49
C ALA B 67 19.74 -21.26 11.27
N GLY B 68 20.04 -20.49 12.31
CA GLY B 68 21.07 -19.48 12.23
C GLY B 68 20.59 -18.07 11.98
N GLY B 69 19.28 -17.86 12.12
CA GLY B 69 18.69 -16.54 11.91
C GLY B 69 17.52 -16.29 12.83
N GLY B 70 16.52 -15.58 12.32
CA GLY B 70 15.30 -15.29 13.06
C GLY B 70 14.13 -15.08 12.13
N LEU B 71 12.97 -14.71 12.69
CA LEU B 71 11.80 -14.47 11.87
C LEU B 71 12.05 -13.39 10.80
N ARG B 72 12.93 -12.44 11.10
CA ARG B 72 13.21 -11.38 10.15
C ARG B 72 13.79 -11.91 8.84
N ASP B 73 14.29 -13.14 8.85
CA ASP B 73 14.87 -13.71 7.63
C ASP B 73 13.85 -14.46 6.77
N ILE B 74 12.61 -14.55 7.23
CA ILE B 74 11.57 -15.19 6.45
C ILE B 74 11.25 -14.31 5.25
N VAL B 75 11.26 -14.91 4.06
CA VAL B 75 10.97 -14.16 2.82
C VAL B 75 9.55 -14.43 2.31
N LYS B 76 9.02 -15.60 2.66
CA LYS B 76 7.68 -15.95 2.25
C LYS B 76 7.01 -16.75 3.37
N LEU B 77 5.79 -16.36 3.68
CA LEU B 77 5.03 -17.04 4.71
C LEU B 77 3.69 -17.50 4.12
N ASN B 78 3.36 -18.77 4.31
CA ASN B 78 2.04 -19.27 3.94
C ASN B 78 1.22 -19.47 5.22
N VAL B 79 0.05 -18.86 5.26
CA VAL B 79 -0.81 -18.96 6.44
C VAL B 79 -2.10 -19.66 6.07
N TYR B 80 -2.35 -20.80 6.71
CA TYR B 80 -3.53 -21.62 6.45
C TYR B 80 -4.51 -21.52 7.61
N LEU B 81 -5.73 -21.06 7.33
CA LEU B 81 -6.71 -20.85 8.40
C LEU B 81 -7.98 -21.66 8.11
N THR B 82 -8.61 -22.18 9.15
CA THR B 82 -9.90 -22.86 8.96
C THR B 82 -11.05 -21.85 8.80
N ASP B 83 -10.82 -20.62 9.22
CA ASP B 83 -11.78 -19.54 9.02
C ASP B 83 -11.04 -18.24 8.75
N LEU B 84 -11.17 -17.71 7.54
CA LEU B 84 -10.46 -16.48 7.17
C LEU B 84 -10.92 -15.26 7.96
N ALA B 85 -12.04 -15.41 8.68
CA ALA B 85 -12.53 -14.34 9.51
C ALA B 85 -11.48 -14.02 10.57
N ASN B 86 -10.63 -15.00 10.85
CA ASN B 86 -9.58 -14.84 11.84
C ASN B 86 -8.35 -14.11 11.33
N PHE B 87 -8.30 -13.84 10.03
CA PHE B 87 -7.08 -13.28 9.48
C PHE B 87 -6.64 -11.91 10.04
N PRO B 88 -7.58 -11.00 10.33
CA PRO B 88 -7.12 -9.72 10.90
C PRO B 88 -6.33 -9.93 12.18
N ILE B 89 -6.65 -10.97 12.94
CA ILE B 89 -5.91 -11.29 14.15
C ILE B 89 -4.50 -11.75 13.82
N VAL B 90 -4.36 -12.57 12.78
CA VAL B 90 -3.04 -13.02 12.33
C VAL B 90 -2.22 -11.81 11.90
N ASN B 91 -2.84 -10.95 11.11
CA ASN B 91 -2.17 -9.76 10.62
C ASN B 91 -1.62 -8.92 11.78
N GLU B 92 -2.41 -8.80 12.83
CA GLU B 92 -2.05 -7.96 13.95
C GLU B 92 -1.02 -8.61 14.87
N VAL B 93 -1.19 -9.91 15.14
CA VAL B 93 -0.22 -10.65 15.93
C VAL B 93 1.14 -10.62 15.26
N MET B 94 1.15 -10.71 13.93
CA MET B 94 2.40 -10.69 13.18
C MET B 94 3.20 -9.43 13.47
N GLY B 95 2.51 -8.35 13.78
CA GLY B 95 3.15 -7.08 14.08
C GLY B 95 4.03 -7.15 15.32
N GLN B 96 3.78 -8.13 16.19
CA GLN B 96 4.59 -8.31 17.40
C GLN B 96 5.85 -9.14 17.16
N TYR B 97 5.88 -9.89 16.06
CA TYR B 97 6.96 -10.83 15.76
C TYR B 97 7.81 -10.40 14.58
N PHE B 98 7.24 -9.58 13.72
CA PHE B 98 7.91 -9.11 12.52
C PHE B 98 7.92 -7.58 12.50
N GLN B 99 8.95 -6.99 11.93
CA GLN B 99 8.94 -5.56 11.66
C GLN B 99 9.24 -5.32 10.19
N ALA B 100 8.80 -4.19 9.65
CA ALA B 100 9.09 -3.89 8.26
C ALA B 100 10.59 -4.00 8.05
N PRO B 101 11.02 -4.56 6.91
CA PRO B 101 10.23 -5.08 5.78
C PRO B 101 9.66 -6.48 6.04
N TYR B 102 8.37 -6.66 5.75
CA TYR B 102 7.67 -7.91 6.00
C TYR B 102 7.87 -8.94 4.88
N PRO B 103 7.68 -10.22 5.20
CA PRO B 103 7.80 -11.27 4.18
C PRO B 103 6.66 -11.17 3.18
N ALA B 104 6.82 -11.79 2.02
CA ALA B 104 5.68 -12.02 1.14
C ALA B 104 4.76 -12.97 1.89
N ARG B 105 3.49 -13.01 1.53
CA ARG B 105 2.52 -13.80 2.28
C ARG B 105 1.39 -14.29 1.40
N ALA B 106 0.88 -15.48 1.71
CA ALA B 106 -0.35 -15.96 1.10
C ALA B 106 -1.23 -16.46 2.22
N ALA B 107 -2.50 -16.09 2.20
CA ALA B 107 -3.43 -16.50 3.24
C ALA B 107 -4.59 -17.23 2.60
N ILE B 108 -4.82 -18.46 3.04
CA ILE B 108 -5.81 -19.32 2.39
C ILE B 108 -6.76 -19.91 3.40
N GLY B 109 -8.05 -19.93 3.07
CA GLY B 109 -9.04 -20.57 3.91
C GLY B 109 -9.21 -22.03 3.52
N ILE B 110 -8.83 -22.93 4.43
CA ILE B 110 -8.81 -24.35 4.12
C ILE B 110 -9.80 -25.13 5.00
N ASN B 111 -9.82 -26.45 4.87
CA ASN B 111 -10.85 -27.28 5.49
C ASN B 111 -10.46 -27.89 6.84
N GLN B 112 -9.26 -28.45 6.92
CA GLN B 112 -8.80 -29.07 8.15
C GLN B 112 -7.32 -28.87 8.34
N LEU B 113 -6.89 -28.83 9.59
CA LEU B 113 -5.48 -28.78 9.93
C LEU B 113 -5.18 -29.86 10.95
N PRO B 114 -3.92 -30.31 11.02
CA PRO B 114 -3.54 -31.32 12.03
C PRO B 114 -3.96 -30.90 13.43
N ARG B 115 -4.44 -31.84 14.23
CA ARG B 115 -4.86 -31.59 15.61
C ARG B 115 -6.05 -30.63 15.71
N ALA B 116 -6.80 -30.47 14.63
CA ALA B 116 -7.93 -29.54 14.64
C ALA B 116 -7.49 -28.10 14.94
N SER B 117 -6.27 -27.77 14.55
CA SER B 117 -5.75 -26.42 14.73
C SER B 117 -6.57 -25.38 13.94
N LEU B 118 -6.53 -24.14 14.39
CA LEU B 118 -7.22 -23.06 13.68
C LEU B 118 -6.26 -22.38 12.72
N ILE B 119 -4.97 -22.69 12.85
CA ILE B 119 -3.95 -22.02 12.07
C ILE B 119 -2.69 -22.87 11.94
N GLU B 120 -2.15 -22.91 10.72
CA GLU B 120 -0.86 -23.51 10.46
C GLU B 120 -0.10 -22.54 9.56
N ALA B 121 1.19 -22.37 9.80
CA ALA B 121 1.97 -21.50 8.91
C ALA B 121 3.28 -22.18 8.56
N ASP B 122 3.67 -22.05 7.29
CA ASP B 122 4.99 -22.52 6.87
C ASP B 122 5.64 -21.42 6.07
N GLY B 123 6.84 -21.69 5.55
CA GLY B 123 7.48 -20.70 4.72
C GLY B 123 8.90 -20.98 4.32
N ILE B 124 9.54 -19.91 3.88
CA ILE B 124 10.90 -19.96 3.38
C ILE B 124 11.67 -18.81 3.99
N MET B 125 12.89 -19.11 4.39
CA MET B 125 13.76 -18.14 5.01
C MET B 125 15.03 -18.07 4.17
N VAL B 126 15.59 -16.88 4.01
CA VAL B 126 16.89 -16.71 3.39
C VAL B 126 17.74 -15.84 4.30
N ILE B 127 18.90 -16.35 4.72
CA ILE B 127 19.75 -15.62 5.65
C ILE B 127 20.74 -14.67 4.96
N MET C 1 16.08 35.19 -9.05
CA MET C 1 15.13 35.51 -10.11
C MET C 1 14.61 34.25 -10.81
N THR C 2 13.33 34.24 -11.15
CA THR C 2 12.71 33.07 -11.76
C THR C 2 11.82 33.42 -12.97
N ASN C 3 11.67 32.45 -13.87
CA ASN C 3 10.80 32.60 -15.02
C ASN C 3 9.35 32.42 -14.61
N LYS C 4 8.71 33.52 -14.18
CA LYS C 4 7.33 33.50 -13.72
C LYS C 4 6.36 33.73 -14.87
N ALA C 5 5.32 32.92 -14.94
CA ALA C 5 4.32 33.09 -15.99
C ALA C 5 2.91 32.80 -15.47
N ILE C 6 1.98 33.67 -15.82
CA ILE C 6 0.57 33.42 -15.53
C ILE C 6 0.03 32.48 -16.59
N ILE C 7 -0.63 31.41 -16.17
CA ILE C 7 -1.19 30.42 -17.07
C ILE C 7 -2.67 30.69 -17.28
N HIS C 8 -3.12 30.64 -18.53
CA HIS C 8 -4.54 30.72 -18.82
C HIS C 8 -4.93 29.74 -19.92
N SER C 9 -6.09 29.11 -19.77
CA SER C 9 -6.60 28.19 -20.78
C SER C 9 -8.05 28.49 -21.08
N ASP C 10 -8.38 28.59 -22.37
CA ASP C 10 -9.76 28.74 -22.82
C ASP C 10 -10.63 27.55 -22.40
N ASN C 11 -10.00 26.42 -22.14
CA ASN C 11 -10.73 25.21 -21.81
C ASN C 11 -10.89 24.91 -20.32
N ALA C 12 -10.50 25.87 -19.49
CA ALA C 12 -10.82 25.82 -18.07
C ALA C 12 -11.59 27.08 -17.73
N PRO C 13 -12.51 27.01 -16.75
CA PRO C 13 -13.34 28.17 -16.44
C PRO C 13 -12.49 29.43 -16.28
N ALA C 14 -12.99 30.56 -16.77
CA ALA C 14 -12.29 31.82 -16.59
C ALA C 14 -12.05 32.10 -15.12
N ALA C 15 -10.87 32.60 -14.79
CA ALA C 15 -10.62 33.02 -13.42
C ALA C 15 -11.28 34.38 -13.26
N ILE C 16 -12.43 34.39 -12.58
CA ILE C 16 -13.15 35.64 -12.37
C ILE C 16 -12.81 36.22 -11.00
N GLY C 17 -12.10 37.35 -11.02
CA GLY C 17 -11.70 38.01 -9.79
C GLY C 17 -10.20 38.11 -9.64
N THR C 18 -9.75 38.16 -8.40
CA THR C 18 -8.36 38.46 -8.11
C THR C 18 -7.55 37.19 -7.95
N TYR C 19 -7.56 36.38 -8.99
CA TYR C 19 -6.73 35.18 -9.04
C TYR C 19 -6.54 34.76 -10.48
N SER C 20 -5.49 33.97 -10.71
CA SER C 20 -5.20 33.41 -12.03
C SER C 20 -5.42 31.90 -11.98
N GLN C 21 -5.63 31.28 -13.13
CA GLN C 21 -5.86 29.84 -13.14
C GLN C 21 -4.68 29.06 -12.56
N ALA C 22 -3.47 29.51 -12.84
CA ALA C 22 -2.27 28.90 -12.30
C ALA C 22 -1.11 29.86 -12.51
N VAL C 23 -0.07 29.67 -11.72
CA VAL C 23 1.14 30.49 -11.81
C VAL C 23 2.31 29.54 -11.92
N LYS C 24 3.09 29.71 -12.97
CA LYS C 24 4.25 28.86 -13.22
C LYS C 24 5.51 29.60 -12.80
N VAL C 25 6.36 28.92 -12.03
CA VAL C 25 7.63 29.48 -11.60
C VAL C 25 8.72 28.46 -11.90
N ASN C 26 9.51 28.73 -12.94
CA ASN C 26 10.46 27.74 -13.45
C ASN C 26 9.72 26.49 -13.92
N ASN C 27 9.95 25.36 -13.27
CA ASN C 27 9.25 24.13 -13.66
C ASN C 27 8.09 23.78 -12.74
N THR C 28 7.85 24.62 -11.74
CA THR C 28 6.81 24.35 -10.75
C THR C 28 5.58 25.18 -11.06
N VAL C 29 4.42 24.55 -10.99
CA VAL C 29 3.18 25.22 -11.34
C VAL C 29 2.20 25.09 -10.18
N TYR C 30 1.77 26.24 -9.67
CA TYR C 30 0.77 26.31 -8.62
C TYR C 30 -0.62 26.46 -9.23
N LEU C 31 -1.47 25.46 -8.98
CA LEU C 31 -2.77 25.38 -9.61
C LEU C 31 -3.86 25.90 -8.69
N SER C 32 -4.70 26.80 -9.20
CA SER C 32 -5.87 27.23 -8.45
C SER C 32 -6.88 26.08 -8.30
N GLY C 33 -7.72 26.16 -7.28
CA GLY C 33 -8.81 25.22 -7.13
C GLY C 33 -9.72 25.23 -8.34
N GLN C 34 -10.07 24.04 -8.83
CA GLN C 34 -11.03 23.89 -9.91
C GLN C 34 -12.30 23.25 -9.37
N ILE C 35 -13.45 23.80 -9.74
CA ILE C 35 -14.73 23.20 -9.41
C ILE C 35 -15.38 22.71 -10.69
N PRO C 36 -16.52 22.02 -10.59
CA PRO C 36 -17.14 21.36 -11.75
C PRO C 36 -17.87 22.32 -12.68
N LEU C 37 -17.31 23.51 -12.90
CA LEU C 37 -17.85 24.44 -13.86
C LEU C 37 -17.60 23.96 -15.28
N ASP C 38 -18.61 24.07 -16.12
CA ASP C 38 -18.40 23.91 -17.55
C ASP C 38 -17.92 25.25 -18.08
N PRO C 39 -16.72 25.28 -18.67
CA PRO C 39 -16.12 26.57 -19.04
C PRO C 39 -16.93 27.37 -20.06
N VAL C 40 -17.74 26.70 -20.87
CA VAL C 40 -18.56 27.45 -21.83
C VAL C 40 -19.82 28.05 -21.19
N THR C 41 -20.53 27.28 -20.38
CA THR C 41 -21.74 27.77 -19.73
C THR C 41 -21.46 28.53 -18.42
N MET C 42 -20.24 28.41 -17.91
CA MET C 42 -19.89 28.95 -16.60
C MET C 42 -20.92 28.60 -15.54
N GLN C 43 -21.54 27.44 -15.70
CA GLN C 43 -22.39 26.87 -14.66
C GLN C 43 -21.90 25.46 -14.36
N LEU C 44 -22.26 24.94 -13.19
CA LEU C 44 -21.89 23.58 -12.84
C LEU C 44 -22.50 22.59 -13.82
N VAL C 45 -21.76 21.54 -14.14
CA VAL C 45 -22.28 20.50 -15.01
C VAL C 45 -23.45 19.80 -14.32
N GLU C 46 -24.35 19.23 -15.11
CA GLU C 46 -25.47 18.48 -14.59
C GLU C 46 -25.11 17.00 -14.48
N GLY C 47 -25.42 16.40 -13.34
CA GLY C 47 -25.14 14.99 -13.12
C GLY C 47 -24.84 14.65 -11.68
N ASP C 48 -24.68 13.37 -11.39
CA ASP C 48 -24.34 12.93 -10.04
C ASP C 48 -22.92 13.36 -9.67
N PHE C 49 -22.46 12.97 -8.50
CA PHE C 49 -21.13 13.37 -8.05
C PHE C 49 -20.06 12.99 -9.07
N ALA C 50 -20.11 11.74 -9.53
CA ALA C 50 -19.13 11.26 -10.50
C ALA C 50 -18.96 12.21 -11.67
N VAL C 51 -20.06 12.73 -12.20
CA VAL C 51 -20.02 13.68 -13.31
C VAL C 51 -19.32 14.96 -12.91
N GLN C 52 -19.52 15.38 -11.67
CA GLN C 52 -18.86 16.59 -11.21
C GLN C 52 -17.37 16.35 -11.08
N ALA C 53 -17.00 15.17 -10.60
CA ALA C 53 -15.59 14.83 -10.46
C ALA C 53 -14.88 14.83 -11.82
N HIS C 54 -15.49 14.21 -12.82
CA HIS C 54 -14.93 14.23 -14.16
C HIS C 54 -14.63 15.66 -14.58
N GLN C 55 -15.56 16.58 -14.33
CA GLN C 55 -15.40 17.93 -14.81
C GLN C 55 -14.23 18.63 -14.11
N VAL C 56 -14.05 18.34 -12.83
CA VAL C 56 -12.91 18.90 -12.11
C VAL C 56 -11.59 18.48 -12.75
N PHE C 57 -11.47 17.19 -13.08
CA PHE C 57 -10.22 16.70 -13.64
C PHE C 57 -9.97 17.19 -15.06
N LYS C 58 -11.05 17.27 -15.86
CA LYS C 58 -10.98 17.91 -17.17
C LYS C 58 -10.51 19.35 -17.05
N ASN C 59 -11.05 20.10 -16.08
CA ASN C 59 -10.64 21.47 -15.85
C ASN C 59 -9.16 21.59 -15.48
N LEU C 60 -8.70 20.75 -14.55
CA LEU C 60 -7.29 20.77 -14.16
C LEU C 60 -6.38 20.36 -15.31
N ARG C 61 -6.81 19.36 -16.08
CA ARG C 61 -6.00 18.90 -17.20
C ARG C 61 -5.78 20.04 -18.19
N ALA C 62 -6.85 20.77 -18.49
CA ALA C 62 -6.74 21.92 -19.40
C ALA C 62 -5.74 22.94 -18.86
N VAL C 63 -5.77 23.20 -17.55
CA VAL C 63 -4.79 24.10 -16.97
C VAL C 63 -3.38 23.53 -17.03
N CYS C 64 -3.22 22.24 -16.71
CA CYS C 64 -1.91 21.62 -16.79
C CYS C 64 -1.37 21.67 -18.20
N GLU C 65 -2.24 21.42 -19.17
CA GLU C 65 -1.79 21.44 -20.56
C GLU C 65 -1.38 22.86 -20.98
N ALA C 66 -2.13 23.86 -20.55
CA ALA C 66 -1.78 25.25 -20.85
C ALA C 66 -0.42 25.63 -20.25
N ALA C 67 -0.05 24.93 -19.18
CA ALA C 67 1.20 25.20 -18.46
C ALA C 67 2.39 24.42 -18.99
N GLY C 68 2.19 23.72 -20.11
CA GLY C 68 3.28 22.99 -20.76
C GLY C 68 3.48 21.56 -20.28
N GLY C 69 2.47 21.00 -19.61
CA GLY C 69 2.56 19.63 -19.12
C GLY C 69 1.23 18.90 -19.22
N GLY C 70 0.96 18.04 -18.25
CA GLY C 70 -0.30 17.31 -18.22
C GLY C 70 -0.61 16.86 -16.80
N LEU C 71 -1.72 16.15 -16.61
CA LEU C 71 -2.09 15.69 -15.26
C LEU C 71 -0.96 14.86 -14.66
N ARG C 72 -0.21 14.20 -15.53
CA ARG C 72 0.89 13.33 -15.13
C ARG C 72 1.95 14.08 -14.33
N ASP C 73 1.98 15.40 -14.44
CA ASP C 73 3.04 16.17 -13.82
C ASP C 73 2.62 16.70 -12.47
N ILE C 74 1.37 16.47 -12.10
CA ILE C 74 0.91 16.89 -10.78
C ILE C 74 1.64 16.05 -9.72
N VAL C 75 2.26 16.72 -8.74
CA VAL C 75 2.98 16.00 -7.69
C VAL C 75 2.19 15.97 -6.38
N LYS C 76 1.24 16.89 -6.25
CA LYS C 76 0.39 16.94 -5.07
C LYS C 76 -1.00 17.45 -5.46
N LEU C 77 -2.02 16.73 -5.01
CA LEU C 77 -3.41 17.10 -5.27
C LEU C 77 -4.17 17.23 -3.95
N ASN C 78 -4.85 18.35 -3.75
CA ASN C 78 -5.75 18.49 -2.61
C ASN C 78 -7.18 18.35 -3.09
N VAL C 79 -7.94 17.46 -2.46
CA VAL C 79 -9.31 17.21 -2.88
C VAL C 79 -10.27 17.60 -1.77
N TYR C 80 -11.12 18.59 -2.03
CA TYR C 80 -12.07 19.09 -1.04
C TYR C 80 -13.48 18.63 -1.36
N LEU C 81 -14.11 17.92 -0.42
CA LEU C 81 -15.47 17.40 -0.65
C LEU C 81 -16.44 17.84 0.45
N THR C 82 -17.68 18.12 0.08
CA THR C 82 -18.72 18.44 1.07
C THR C 82 -19.17 17.19 1.82
N ASP C 83 -18.96 16.01 1.22
CA ASP C 83 -19.27 14.75 1.87
C ASP C 83 -18.18 13.75 1.54
N LEU C 84 -17.39 13.36 2.54
CA LEU C 84 -16.29 12.42 2.30
C LEU C 84 -16.78 11.05 1.84
N ALA C 85 -18.08 10.79 2.02
CA ALA C 85 -18.65 9.54 1.57
C ALA C 85 -18.47 9.40 0.06
N ASN C 86 -18.26 10.52 -0.62
CA ASN C 86 -18.09 10.52 -2.07
C ASN C 86 -16.66 10.21 -2.50
N PHE C 87 -15.77 10.05 -1.54
CA PHE C 87 -14.36 9.92 -1.90
C PHE C 87 -14.02 8.68 -2.73
N PRO C 88 -14.63 7.53 -2.41
CA PRO C 88 -14.34 6.34 -3.23
C PRO C 88 -14.60 6.63 -4.70
N ILE C 89 -15.62 7.42 -4.98
CA ILE C 89 -15.90 7.82 -6.36
C ILE C 89 -14.77 8.68 -6.96
N VAL C 90 -14.22 9.60 -6.18
CA VAL C 90 -13.10 10.43 -6.66
C VAL C 90 -11.90 9.53 -6.94
N ASN C 91 -11.62 8.65 -5.99
CA ASN C 91 -10.49 7.74 -6.14
C ASN C 91 -10.61 6.93 -7.43
N GLU C 92 -11.81 6.45 -7.72
CA GLU C 92 -12.02 5.66 -8.91
C GLU C 92 -11.96 6.51 -10.19
N VAL C 93 -12.65 7.65 -10.20
CA VAL C 93 -12.57 8.55 -11.35
C VAL C 93 -11.13 8.96 -11.67
N MET C 94 -10.33 9.21 -10.65
CA MET C 94 -8.93 9.60 -10.85
C MET C 94 -8.19 8.54 -11.68
N GLY C 95 -8.60 7.29 -11.53
CA GLY C 95 -7.97 6.20 -12.23
C GLY C 95 -8.14 6.33 -13.74
N GLN C 96 -9.10 7.14 -14.17
CA GLN C 96 -9.33 7.36 -15.59
C GLN C 96 -8.48 8.51 -16.13
N TYR C 97 -7.95 9.32 -15.21
CA TYR C 97 -7.19 10.51 -15.58
C TYR C 97 -5.71 10.41 -15.25
N PHE C 98 -5.38 9.56 -14.28
CA PHE C 98 -4.03 9.43 -13.78
C PHE C 98 -3.58 7.99 -13.89
N GLN C 99 -2.27 7.79 -13.99
CA GLN C 99 -1.70 6.44 -13.99
C GLN C 99 -0.52 6.47 -13.03
N ALA C 100 -0.12 5.30 -12.52
CA ALA C 100 1.07 5.24 -11.68
C ALA C 100 2.25 5.78 -12.47
N PRO C 101 3.12 6.56 -11.84
CA PRO C 101 3.11 6.94 -10.42
C PRO C 101 2.14 8.09 -10.12
N TYR C 102 1.30 7.91 -9.11
CA TYR C 102 0.27 8.88 -8.76
C TYR C 102 0.80 10.04 -7.93
N PRO C 103 0.05 11.16 -7.92
CA PRO C 103 0.44 12.31 -7.09
C PRO C 103 0.29 11.98 -5.62
N ALA C 104 0.99 12.73 -4.77
CA ALA C 104 0.64 12.77 -3.36
C ALA C 104 -0.75 13.39 -3.29
N ARG C 105 -1.47 13.12 -2.22
CA ARG C 105 -2.87 13.54 -2.13
C ARG C 105 -3.29 13.83 -0.70
N ALA C 106 -4.22 14.78 -0.56
CA ALA C 106 -4.93 14.99 0.68
C ALA C 106 -6.41 15.13 0.34
N ALA C 107 -7.26 14.39 1.06
CA ALA C 107 -8.70 14.48 0.87
C ALA C 107 -9.38 14.93 2.16
N ILE C 108 -10.08 16.07 2.10
CA ILE C 108 -10.64 16.68 3.29
C ILE C 108 -12.13 16.90 3.17
N GLY C 109 -12.86 16.65 4.25
CA GLY C 109 -14.28 16.91 4.29
C GLY C 109 -14.54 18.31 4.81
N ILE C 110 -15.03 19.18 3.93
CA ILE C 110 -15.25 20.56 4.31
C ILE C 110 -16.73 20.95 4.27
N ASN C 111 -17.04 22.22 4.55
CA ASN C 111 -18.43 22.66 4.67
C ASN C 111 -19.08 23.13 3.38
N GLN C 112 -18.41 24.02 2.67
CA GLN C 112 -18.99 24.68 1.51
C GLN C 112 -17.93 24.92 0.46
N LEU C 113 -18.37 24.98 -0.79
CA LEU C 113 -17.52 25.27 -1.93
C LEU C 113 -18.19 26.27 -2.86
N PRO C 114 -17.38 27.01 -3.64
CA PRO C 114 -17.93 28.00 -4.56
C PRO C 114 -19.00 27.37 -5.44
N ARG C 115 -20.06 28.12 -5.72
CA ARG C 115 -21.17 27.63 -6.53
C ARG C 115 -21.91 26.48 -5.85
N ALA C 116 -21.69 26.29 -4.56
CA ALA C 116 -22.23 25.14 -3.85
C ALA C 116 -21.83 23.84 -4.55
N SER C 117 -20.60 23.79 -5.04
CA SER C 117 -20.05 22.58 -5.67
C SER C 117 -19.89 21.45 -4.66
N LEU C 118 -19.85 20.22 -5.15
CA LEU C 118 -19.65 19.06 -4.28
C LEU C 118 -18.17 18.70 -4.17
N ILE C 119 -17.36 19.20 -5.10
CA ILE C 119 -15.95 18.89 -5.10
C ILE C 119 -15.11 20.04 -5.65
N GLU C 120 -13.97 20.28 -5.03
CA GLU C 120 -12.98 21.21 -5.56
C GLU C 120 -11.61 20.57 -5.42
N ALA C 121 -10.73 20.80 -6.38
CA ALA C 121 -9.40 20.22 -6.30
C ALA C 121 -8.37 21.20 -6.79
N ASP C 122 -7.27 21.31 -6.06
CA ASP C 122 -6.16 22.14 -6.51
C ASP C 122 -4.87 21.35 -6.35
N GLY C 123 -3.73 22.00 -6.56
CA GLY C 123 -2.48 21.32 -6.35
C GLY C 123 -1.25 21.96 -6.96
N ILE C 124 -0.22 21.14 -7.13
CA ILE C 124 1.07 21.61 -7.55
C ILE C 124 1.60 20.65 -8.60
N MET C 125 2.12 21.19 -9.70
CA MET C 125 2.76 20.37 -10.70
C MET C 125 4.25 20.73 -10.81
N VAL C 126 5.06 19.76 -11.19
CA VAL C 126 6.47 20.00 -11.48
C VAL C 126 6.78 19.31 -12.80
N ILE C 127 7.11 20.08 -13.82
CA ILE C 127 7.36 19.52 -15.14
C ILE C 127 8.78 18.98 -15.30
N THR D 2 20.23 21.72 2.46
CA THR D 2 19.78 23.03 1.98
C THR D 2 19.50 23.97 3.15
N ASN D 3 19.94 25.22 3.03
CA ASN D 3 19.74 26.20 4.09
C ASN D 3 18.32 26.73 4.16
N LYS D 4 17.78 26.79 5.38
CA LYS D 4 16.44 27.34 5.60
C LYS D 4 16.51 28.53 6.56
N ALA D 5 15.79 29.59 6.25
CA ALA D 5 15.72 30.74 7.14
C ALA D 5 14.32 30.92 7.70
N ILE D 6 14.25 31.21 8.99
CA ILE D 6 12.97 31.48 9.64
C ILE D 6 12.61 32.95 9.48
N ILE D 7 11.52 33.23 8.78
CA ILE D 7 11.10 34.61 8.60
C ILE D 7 10.33 35.10 9.83
N HIS D 8 10.64 36.30 10.30
CA HIS D 8 9.88 36.89 11.39
C HIS D 8 9.68 38.39 11.21
N SER D 9 8.47 38.85 11.47
CA SER D 9 8.15 40.28 11.42
C SER D 9 7.46 40.68 12.71
N ASP D 10 7.97 41.71 13.36
CA ASP D 10 7.32 42.27 14.54
C ASP D 10 5.99 42.92 14.17
N ASN D 11 5.72 43.05 12.88
CA ASN D 11 4.49 43.67 12.41
C ASN D 11 3.41 42.69 11.98
N ALA D 12 3.67 41.41 12.22
CA ALA D 12 2.68 40.35 12.07
C ALA D 12 2.51 39.69 13.42
N PRO D 13 1.36 39.06 13.66
CA PRO D 13 1.13 38.45 14.98
C PRO D 13 2.24 37.49 15.32
N ALA D 14 2.73 37.51 16.56
CA ALA D 14 3.72 36.53 17.00
C ALA D 14 3.22 35.12 16.72
N ALA D 15 4.14 34.23 16.36
CA ALA D 15 3.78 32.84 16.13
C ALA D 15 3.82 32.11 17.46
N ILE D 16 2.67 32.02 18.10
CA ILE D 16 2.54 31.35 19.39
C ILE D 16 2.45 29.84 19.21
N GLY D 17 3.27 29.10 19.94
CA GLY D 17 3.25 27.65 19.84
C GLY D 17 4.22 27.12 18.81
N THR D 18 3.98 25.90 18.35
CA THR D 18 4.95 25.15 17.56
C THR D 18 4.91 25.42 16.06
N TYR D 19 5.13 26.68 15.67
CA TYR D 19 5.28 27.02 14.26
C TYR D 19 6.05 28.32 14.08
N SER D 20 6.38 28.65 12.83
CA SER D 20 7.05 29.90 12.48
C SER D 20 6.12 30.67 11.56
N GLN D 21 6.29 31.98 11.50
CA GLN D 21 5.46 32.80 10.64
C GLN D 21 5.63 32.42 9.18
N ALA D 22 6.88 32.17 8.78
CA ALA D 22 7.17 31.62 7.45
C ALA D 22 8.57 30.97 7.41
N VAL D 23 8.80 30.15 6.40
CA VAL D 23 10.11 29.56 6.18
C VAL D 23 10.55 29.85 4.76
N LYS D 24 11.79 30.31 4.60
CA LYS D 24 12.33 30.56 3.26
C LYS D 24 13.40 29.54 2.91
N VAL D 25 13.31 28.98 1.72
CA VAL D 25 14.25 27.98 1.26
C VAL D 25 14.40 28.14 -0.26
N ASN D 26 15.64 28.22 -0.73
CA ASN D 26 15.91 28.60 -2.11
C ASN D 26 15.19 29.90 -2.44
N ASN D 27 14.35 29.89 -3.47
CA ASN D 27 13.63 31.08 -3.88
C ASN D 27 12.18 31.08 -3.37
N THR D 28 11.82 30.07 -2.58
CA THR D 28 10.43 29.92 -2.16
C THR D 28 10.21 30.25 -0.68
N VAL D 29 9.10 30.92 -0.40
CA VAL D 29 8.74 31.25 0.99
C VAL D 29 7.40 30.63 1.34
N TYR D 30 7.41 29.77 2.35
CA TYR D 30 6.19 29.11 2.79
C TYR D 30 5.57 29.87 3.94
N LEU D 31 4.38 30.42 3.70
CA LEU D 31 3.72 31.31 4.65
C LEU D 31 2.69 30.59 5.50
N SER D 32 2.82 30.72 6.81
CA SER D 32 1.82 30.18 7.72
C SER D 32 0.49 30.88 7.52
N GLY D 33 -0.57 30.24 8.02
CA GLY D 33 -1.88 30.85 8.01
C GLY D 33 -1.96 32.04 8.97
N GLN D 34 -2.43 33.17 8.45
CA GLN D 34 -2.68 34.37 9.24
C GLN D 34 -4.18 34.51 9.49
N ILE D 35 -4.55 34.81 10.72
CA ILE D 35 -5.95 35.07 11.05
C ILE D 35 -6.03 36.56 11.42
N PRO D 36 -7.24 37.09 11.61
CA PRO D 36 -7.34 38.55 11.80
C PRO D 36 -6.85 39.07 13.15
N LEU D 37 -5.69 38.60 13.62
CA LEU D 37 -5.16 39.11 14.88
C LEU D 37 -4.49 40.47 14.69
N ASP D 38 -4.70 41.34 15.66
CA ASP D 38 -3.95 42.58 15.75
C ASP D 38 -2.63 42.24 16.44
N PRO D 39 -1.51 42.44 15.74
CA PRO D 39 -0.23 42.03 16.30
C PRO D 39 -0.01 42.65 17.66
N VAL D 40 -0.51 43.87 17.83
CA VAL D 40 -0.28 44.63 19.05
C VAL D 40 -0.95 44.01 20.28
N THR D 41 -2.26 43.78 20.17
CA THR D 41 -3.07 43.28 21.28
C THR D 41 -3.08 41.74 21.30
N MET D 42 -2.84 41.15 20.15
CA MET D 42 -2.97 39.70 19.99
C MET D 42 -4.39 39.24 20.34
N GLN D 43 -5.35 40.05 19.89
CA GLN D 43 -6.77 39.73 19.92
C GLN D 43 -7.30 40.05 18.54
N LEU D 44 -8.38 39.39 18.14
CA LEU D 44 -9.02 39.69 16.86
C LEU D 44 -9.37 41.16 16.80
N VAL D 45 -9.22 41.75 15.62
CA VAL D 45 -9.69 43.11 15.41
C VAL D 45 -11.21 43.10 15.49
N GLU D 46 -11.79 44.14 16.10
CA GLU D 46 -13.24 44.26 16.21
C GLU D 46 -13.81 44.69 14.88
N GLY D 47 -14.99 44.17 14.56
CA GLY D 47 -15.70 44.62 13.37
C GLY D 47 -16.17 43.52 12.45
N ASP D 48 -16.75 43.93 11.34
CA ASP D 48 -17.44 43.04 10.43
C ASP D 48 -16.44 42.17 9.65
N PHE D 49 -16.94 41.44 8.66
CA PHE D 49 -16.06 40.54 7.94
C PHE D 49 -14.97 41.32 7.19
N ALA D 50 -15.36 42.40 6.52
CA ALA D 50 -14.40 43.19 5.75
C ALA D 50 -13.19 43.62 6.59
N VAL D 51 -13.40 44.08 7.82
CA VAL D 51 -12.26 44.49 8.64
C VAL D 51 -11.40 43.29 9.03
N GLN D 52 -12.03 42.14 9.28
CA GLN D 52 -11.26 40.92 9.54
C GLN D 52 -10.39 40.56 8.35
N ALA D 53 -10.93 40.68 7.15
CA ALA D 53 -10.20 40.33 5.94
C ALA D 53 -9.02 41.27 5.70
N HIS D 54 -9.23 42.57 5.89
CA HIS D 54 -8.15 43.55 5.81
C HIS D 54 -6.96 43.18 6.69
N GLN D 55 -7.22 42.79 7.94
CA GLN D 55 -6.14 42.46 8.86
C GLN D 55 -5.35 41.25 8.38
N VAL D 56 -6.04 40.27 7.81
CA VAL D 56 -5.36 39.08 7.32
C VAL D 56 -4.32 39.44 6.26
N PHE D 57 -4.71 40.27 5.29
CA PHE D 57 -3.77 40.69 4.26
C PHE D 57 -2.64 41.59 4.77
N LYS D 58 -2.93 42.50 5.70
CA LYS D 58 -1.86 43.26 6.34
C LYS D 58 -0.87 42.33 7.04
N ASN D 59 -1.39 41.32 7.74
CA ASN D 59 -0.52 40.36 8.41
C ASN D 59 0.39 39.60 7.43
N LEU D 60 -0.21 39.07 6.36
CA LEU D 60 0.59 38.39 5.34
C LEU D 60 1.60 39.33 4.71
N ARG D 61 1.20 40.59 4.49
CA ARG D 61 2.08 41.57 3.88
C ARG D 61 3.33 41.76 4.70
N ALA D 62 3.15 41.92 6.01
CA ALA D 62 4.28 42.10 6.92
C ALA D 62 5.23 40.92 6.85
N VAL D 63 4.69 39.71 6.85
CA VAL D 63 5.53 38.51 6.74
C VAL D 63 6.31 38.51 5.42
N CYS D 64 5.60 38.80 4.33
CA CYS D 64 6.21 38.92 3.01
C CYS D 64 7.31 39.97 2.97
N GLU D 65 7.07 41.09 3.66
CA GLU D 65 8.06 42.14 3.75
C GLU D 65 9.29 41.66 4.49
N ALA D 66 9.07 40.99 5.61
CA ALA D 66 10.16 40.41 6.38
C ALA D 66 10.97 39.40 5.55
N ALA D 67 10.35 38.82 4.53
CA ALA D 67 11.02 37.83 3.69
C ALA D 67 11.69 38.47 2.47
N GLY D 68 11.58 39.79 2.36
CA GLY D 68 12.29 40.51 1.32
C GLY D 68 11.45 40.96 0.14
N GLY D 69 10.14 40.72 0.21
CA GLY D 69 9.25 41.11 -0.87
C GLY D 69 7.97 41.77 -0.41
N GLY D 70 6.87 41.40 -1.05
CA GLY D 70 5.57 41.93 -0.72
C GLY D 70 4.49 40.99 -1.22
N LEU D 71 3.24 41.40 -1.11
CA LEU D 71 2.15 40.53 -1.55
C LEU D 71 2.25 40.21 -3.03
N ARG D 72 2.88 41.09 -3.81
CA ARG D 72 3.01 40.85 -5.25
C ARG D 72 3.89 39.64 -5.55
N ASP D 73 4.62 39.16 -4.55
CA ASP D 73 5.49 37.99 -4.74
C ASP D 73 4.81 36.66 -4.43
N ILE D 74 3.60 36.72 -3.88
CA ILE D 74 2.83 35.53 -3.61
C ILE D 74 2.40 34.89 -4.93
N VAL D 75 2.57 33.57 -5.04
CA VAL D 75 2.22 32.84 -6.24
C VAL D 75 1.01 31.95 -6.03
N LYS D 76 0.73 31.60 -4.78
CA LYS D 76 -0.46 30.82 -4.45
C LYS D 76 -1.00 31.27 -3.11
N LEU D 77 -2.31 31.44 -3.01
CA LEU D 77 -2.94 31.87 -1.75
C LEU D 77 -4.09 30.92 -1.45
N ASN D 78 -4.13 30.34 -0.25
CA ASN D 78 -5.29 29.57 0.17
C ASN D 78 -6.14 30.38 1.13
N VAL D 79 -7.43 30.51 0.85
CA VAL D 79 -8.30 31.30 1.72
C VAL D 79 -9.33 30.40 2.35
N TYR D 80 -9.36 30.38 3.69
CA TYR D 80 -10.32 29.57 4.43
C TYR D 80 -11.38 30.45 5.08
N LEU D 81 -12.65 30.19 4.78
CA LEU D 81 -13.76 30.98 5.33
C LEU D 81 -14.76 30.12 6.09
N THR D 82 -15.23 30.61 7.22
CA THR D 82 -16.28 29.92 7.96
C THR D 82 -17.62 30.04 7.24
N ASP D 83 -17.73 31.01 6.34
CA ASP D 83 -18.97 31.21 5.59
C ASP D 83 -18.67 31.82 4.22
N LEU D 84 -18.88 31.03 3.17
CA LEU D 84 -18.52 31.44 1.82
C LEU D 84 -19.36 32.59 1.27
N ALA D 85 -20.47 32.90 1.93
CA ALA D 85 -21.28 34.02 1.51
C ALA D 85 -20.44 35.29 1.62
N ASN D 86 -19.35 35.20 2.38
CA ASN D 86 -18.44 36.33 2.57
C ASN D 86 -17.39 36.42 1.49
N PHE D 87 -17.38 35.45 0.58
CA PHE D 87 -16.34 35.41 -0.44
C PHE D 87 -16.26 36.64 -1.36
N PRO D 88 -17.42 37.16 -1.82
CA PRO D 88 -17.30 38.34 -2.68
C PRO D 88 -16.61 39.50 -1.96
N ILE D 89 -16.80 39.59 -0.64
CA ILE D 89 -16.07 40.58 0.14
C ILE D 89 -14.57 40.30 0.11
N VAL D 90 -14.20 39.03 0.20
CA VAL D 90 -12.81 38.65 0.11
C VAL D 90 -12.19 39.15 -1.19
N ASN D 91 -12.91 38.95 -2.30
CA ASN D 91 -12.42 39.40 -3.58
C ASN D 91 -12.27 40.90 -3.65
N GLU D 92 -13.26 41.60 -3.13
CA GLU D 92 -13.23 43.06 -3.09
C GLU D 92 -12.01 43.53 -2.31
N VAL D 93 -11.86 43.02 -1.09
CA VAL D 93 -10.72 43.36 -0.23
C VAL D 93 -9.37 42.99 -0.86
N MET D 94 -9.29 41.78 -1.44
CA MET D 94 -8.04 41.32 -2.07
C MET D 94 -7.57 42.23 -3.20
N GLY D 95 -8.51 42.79 -3.96
CA GLY D 95 -8.18 43.71 -5.03
C GLY D 95 -7.54 45.01 -4.55
N GLN D 96 -7.68 45.32 -3.27
CA GLN D 96 -7.03 46.53 -2.72
C GLN D 96 -5.59 46.23 -2.35
N TYR D 97 -5.26 44.94 -2.23
CA TYR D 97 -3.93 44.51 -1.79
C TYR D 97 -3.09 43.88 -2.89
N PHE D 98 -3.76 43.31 -3.91
CA PHE D 98 -3.06 42.63 -5.00
C PHE D 98 -3.40 43.31 -6.30
N GLN D 99 -2.43 43.39 -7.21
CA GLN D 99 -2.68 43.87 -8.58
C GLN D 99 -2.37 42.75 -9.56
N ALA D 100 -3.02 42.77 -10.72
CA ALA D 100 -2.68 41.80 -11.77
C ALA D 100 -1.19 41.93 -12.09
N PRO D 101 -0.51 40.81 -12.33
CA PRO D 101 -1.00 39.43 -12.39
C PRO D 101 -1.29 38.83 -11.00
N TYR D 102 -2.49 38.31 -10.80
CA TYR D 102 -2.89 37.77 -9.51
C TYR D 102 -2.28 36.39 -9.29
N PRO D 103 -2.22 35.94 -8.02
CA PRO D 103 -1.64 34.63 -7.73
C PRO D 103 -2.67 33.53 -7.93
N ALA D 104 -2.24 32.26 -7.91
CA ALA D 104 -3.19 31.16 -7.94
C ALA D 104 -3.91 31.20 -6.62
N ARG D 105 -5.10 30.63 -6.55
CA ARG D 105 -5.87 30.70 -5.32
C ARG D 105 -6.83 29.52 -5.14
N ALA D 106 -7.07 29.15 -3.90
CA ALA D 106 -8.13 28.21 -3.59
C ALA D 106 -8.95 28.80 -2.46
N ALA D 107 -10.27 28.73 -2.58
CA ALA D 107 -11.14 29.28 -1.55
C ALA D 107 -12.09 28.21 -1.07
N ILE D 108 -12.05 27.95 0.23
CA ILE D 108 -12.75 26.79 0.78
C ILE D 108 -13.58 27.18 1.98
N GLY D 109 -14.85 26.76 1.99
CA GLY D 109 -15.71 26.96 3.14
C GLY D 109 -15.49 25.87 4.16
N ILE D 110 -14.95 26.25 5.32
CA ILE D 110 -14.63 25.30 6.37
C ILE D 110 -15.50 25.47 7.62
N ASN D 111 -15.13 24.77 8.68
CA ASN D 111 -15.98 24.64 9.87
C ASN D 111 -15.63 25.63 10.99
N GLN D 112 -14.36 25.65 11.37
CA GLN D 112 -13.90 26.49 12.47
C GLN D 112 -12.52 27.01 12.15
N LEU D 113 -12.22 28.21 12.61
CA LEU D 113 -10.87 28.76 12.51
C LEU D 113 -10.38 29.17 13.89
N PRO D 114 -9.05 29.25 14.05
CA PRO D 114 -8.46 29.68 15.33
C PRO D 114 -9.08 30.98 15.82
N ARG D 115 -9.23 31.12 17.13
CA ARG D 115 -9.83 32.32 17.73
C ARG D 115 -11.24 32.62 17.23
N ALA D 116 -11.90 31.62 16.67
CA ALA D 116 -13.24 31.81 16.11
C ALA D 116 -13.26 32.82 14.96
N SER D 117 -12.10 33.03 14.34
CA SER D 117 -11.98 33.93 13.19
C SER D 117 -12.90 33.52 12.04
N LEU D 118 -13.22 34.49 11.18
CA LEU D 118 -14.09 34.23 10.04
C LEU D 118 -13.28 33.95 8.78
N ILE D 119 -11.97 34.14 8.87
CA ILE D 119 -11.09 34.00 7.73
C ILE D 119 -9.66 33.73 8.15
N GLU D 120 -8.99 32.82 7.44
CA GLU D 120 -7.56 32.60 7.55
C GLU D 120 -7.03 32.44 6.14
N ALA D 121 -5.80 32.88 5.90
CA ALA D 121 -5.17 32.69 4.59
C ALA D 121 -3.69 32.38 4.78
N ASP D 122 -3.19 31.42 4.01
CA ASP D 122 -1.77 31.14 3.98
C ASP D 122 -1.37 31.16 2.51
N GLY D 123 -0.11 30.91 2.23
CA GLY D 123 0.26 30.79 0.83
C GLY D 123 1.72 30.50 0.60
N ILE D 124 2.13 30.71 -0.65
CA ILE D 124 3.50 30.48 -1.06
C ILE D 124 3.95 31.67 -1.89
N MET D 125 5.15 32.14 -1.60
CA MET D 125 5.73 33.32 -2.21
C MET D 125 7.04 32.89 -2.89
N VAL D 126 7.39 33.58 -3.97
CA VAL D 126 8.68 33.34 -4.61
C VAL D 126 9.42 34.65 -4.81
N ILE D 127 10.67 34.71 -4.39
CA ILE D 127 11.43 35.95 -4.49
C ILE D 127 12.86 35.69 -4.95
N ASN E 3 13.98 14.32 -10.66
CA ASN E 3 12.90 13.59 -11.31
C ASN E 3 11.91 12.99 -10.30
N LYS E 4 10.69 12.74 -10.76
CA LYS E 4 9.61 12.32 -9.86
C LYS E 4 9.76 10.91 -9.30
N ALA E 5 10.49 10.78 -8.19
CA ALA E 5 10.57 9.51 -7.48
C ALA E 5 9.41 9.37 -6.49
N ILE E 6 8.79 8.19 -6.48
CA ILE E 6 7.69 7.90 -5.59
C ILE E 6 8.23 7.29 -4.31
N ILE E 7 7.73 7.76 -3.17
CA ILE E 7 8.17 7.25 -1.87
C ILE E 7 7.27 6.11 -1.37
N HIS E 8 7.90 5.03 -0.92
CA HIS E 8 7.18 3.93 -0.29
C HIS E 8 7.85 3.63 1.05
N SER E 9 7.16 3.91 2.14
CA SER E 9 7.61 3.47 3.45
C SER E 9 6.74 2.33 3.93
N ASP E 10 7.37 1.24 4.35
CA ASP E 10 6.62 0.13 4.92
C ASP E 10 6.28 0.38 6.39
N ASN E 11 6.71 1.53 6.91
CA ASN E 11 6.40 1.91 8.30
C ASN E 11 5.29 2.96 8.42
N ALA E 12 4.72 3.36 7.29
CA ALA E 12 3.54 4.19 7.30
C ALA E 12 2.44 3.45 6.56
N PRO E 13 1.18 3.84 6.78
CA PRO E 13 0.10 3.10 6.13
C PRO E 13 0.28 3.13 4.62
N ALA E 14 0.01 1.99 4.00
CA ALA E 14 0.15 1.88 2.55
C ALA E 14 -0.79 2.86 1.86
N ALA E 15 -0.30 3.50 0.81
CA ALA E 15 -1.14 4.37 0.00
C ALA E 15 -2.04 3.51 -0.89
N ILE E 16 -3.30 3.41 -0.51
CA ILE E 16 -4.29 2.59 -1.23
C ILE E 16 -4.85 3.39 -2.39
N GLY E 17 -5.06 2.76 -3.54
CA GLY E 17 -5.72 3.46 -4.63
C GLY E 17 -4.82 4.45 -5.35
N THR E 18 -5.42 5.53 -5.84
CA THR E 18 -4.72 6.38 -6.81
C THR E 18 -3.93 7.52 -6.17
N TYR E 19 -3.07 7.21 -5.21
CA TYR E 19 -2.14 8.22 -4.70
C TYR E 19 -0.85 7.58 -4.19
N SER E 20 0.16 8.41 -3.95
CA SER E 20 1.47 7.99 -3.44
C SER E 20 1.63 8.55 -2.05
N GLN E 21 2.35 7.86 -1.17
CA GLN E 21 2.61 8.42 0.14
C GLN E 21 3.28 9.79 0.05
N ALA E 22 4.23 9.92 -0.86
CA ALA E 22 4.91 11.18 -1.12
C ALA E 22 5.53 11.15 -2.51
N VAL E 23 5.76 12.32 -3.08
CA VAL E 23 6.48 12.41 -4.34
C VAL E 23 7.67 13.32 -4.14
N LYS E 24 8.84 12.85 -4.57
CA LYS E 24 10.06 13.63 -4.42
C LYS E 24 10.51 14.14 -5.78
N VAL E 25 10.72 15.45 -5.89
CA VAL E 25 11.29 16.07 -7.08
C VAL E 25 12.44 16.98 -6.67
N ASN E 26 13.63 16.70 -7.20
CA ASN E 26 14.85 17.33 -6.73
C ASN E 26 15.00 17.17 -5.22
N ASN E 27 14.95 18.28 -4.50
CA ASN E 27 15.12 18.25 -3.06
C ASN E 27 13.81 18.46 -2.30
N THR E 28 12.72 18.67 -3.04
CA THR E 28 11.42 18.95 -2.43
C THR E 28 10.59 17.66 -2.36
N VAL E 29 9.98 17.41 -1.21
CA VAL E 29 9.14 16.23 -1.04
C VAL E 29 7.72 16.66 -0.71
N TYR E 30 6.79 16.27 -1.57
CA TYR E 30 5.38 16.59 -1.37
C TYR E 30 4.70 15.45 -0.62
N LEU E 31 4.30 15.72 0.63
CA LEU E 31 3.80 14.66 1.50
C LEU E 31 2.28 14.55 1.47
N SER E 32 1.77 13.33 1.32
CA SER E 32 0.33 13.11 1.40
C SER E 32 -0.20 13.30 2.81
N GLY E 33 -1.50 13.47 2.92
CA GLY E 33 -2.12 13.56 4.24
C GLY E 33 -2.00 12.23 4.97
N GLN E 34 -1.58 12.29 6.23
CA GLN E 34 -1.53 11.11 7.09
C GLN E 34 -2.62 11.25 8.17
N ILE E 35 -3.29 10.14 8.45
CA ILE E 35 -4.26 10.09 9.53
C ILE E 35 -3.74 9.12 10.60
N PRO E 36 -4.48 8.96 11.71
CA PRO E 36 -3.95 8.15 12.82
C PRO E 36 -4.03 6.62 12.60
N LEU E 37 -3.91 6.18 11.35
CA LEU E 37 -3.92 4.76 11.05
C LEU E 37 -2.70 4.04 11.61
N ASP E 38 -2.92 2.88 12.21
CA ASP E 38 -1.83 1.98 12.56
C ASP E 38 -1.50 1.16 11.31
N PRO E 39 -0.27 1.29 10.79
CA PRO E 39 0.05 0.66 9.50
C PRO E 39 -0.07 -0.85 9.59
N VAL E 40 0.02 -1.40 10.80
CA VAL E 40 -0.15 -2.83 10.99
C VAL E 40 -1.60 -3.24 10.76
N THR E 41 -2.51 -2.62 11.50
CA THR E 41 -3.92 -3.03 11.46
C THR E 41 -4.70 -2.31 10.38
N MET E 42 -4.14 -1.22 9.89
CA MET E 42 -4.86 -0.35 8.97
C MET E 42 -6.21 0.03 9.56
N GLN E 43 -6.22 0.19 10.88
CA GLN E 43 -7.33 0.78 11.62
C GLN E 43 -6.75 1.94 12.44
N LEU E 44 -7.60 2.87 12.87
CA LEU E 44 -7.13 3.95 13.72
C LEU E 44 -6.57 3.39 15.02
N VAL E 45 -5.49 4.00 15.51
CA VAL E 45 -5.01 3.66 16.84
C VAL E 45 -6.14 3.95 17.82
N GLU E 46 -6.26 3.09 18.84
CA GLU E 46 -7.22 3.31 19.90
C GLU E 46 -6.59 4.24 20.95
N GLY E 47 -7.37 5.18 21.46
CA GLY E 47 -6.87 6.14 22.44
C GLY E 47 -7.37 7.55 22.18
N ASP E 48 -7.07 8.46 23.10
CA ASP E 48 -7.59 9.83 23.01
C ASP E 48 -6.91 10.65 21.92
N PHE E 49 -7.27 11.93 21.83
CA PHE E 49 -6.77 12.78 20.77
C PHE E 49 -5.26 12.82 20.69
N ALA E 50 -4.60 12.94 21.84
CA ALA E 50 -3.13 12.97 21.90
C ALA E 50 -2.52 11.73 21.26
N VAL E 51 -3.13 10.57 21.50
CA VAL E 51 -2.67 9.33 20.87
C VAL E 51 -2.87 9.39 19.36
N GLN E 52 -4.03 9.87 18.92
CA GLN E 52 -4.26 10.01 17.49
C GLN E 52 -3.24 10.95 16.88
N ALA E 53 -2.97 12.07 17.55
CA ALA E 53 -2.02 13.05 17.00
C ALA E 53 -0.61 12.50 17.01
N HIS E 54 -0.26 11.75 18.06
CA HIS E 54 1.02 11.05 18.04
C HIS E 54 1.18 10.13 16.82
N GLN E 55 0.13 9.35 16.52
CA GLN E 55 0.22 8.43 15.38
C GLN E 55 0.38 9.18 14.05
N VAL E 56 -0.26 10.33 13.93
CA VAL E 56 -0.14 11.09 12.70
C VAL E 56 1.31 11.49 12.47
N PHE E 57 1.99 11.93 13.52
CA PHE E 57 3.37 12.37 13.35
C PHE E 57 4.36 11.23 13.18
N LYS E 58 4.06 10.09 13.82
CA LYS E 58 4.82 8.87 13.61
C LYS E 58 4.73 8.45 12.14
N ASN E 59 3.51 8.44 11.61
CA ASN E 59 3.33 8.15 10.19
C ASN E 59 4.07 9.12 9.26
N LEU E 60 3.91 10.43 9.48
CA LEU E 60 4.62 11.40 8.65
C LEU E 60 6.12 11.21 8.75
N ARG E 61 6.61 10.93 9.96
CA ARG E 61 8.05 10.72 10.11
C ARG E 61 8.56 9.55 9.28
N ALA E 62 7.86 8.41 9.33
CA ALA E 62 8.22 7.26 8.52
C ALA E 62 8.34 7.64 7.03
N VAL E 63 7.39 8.42 6.55
CA VAL E 63 7.42 8.84 5.15
C VAL E 63 8.61 9.75 4.88
N CYS E 64 8.84 10.71 5.77
CA CYS E 64 9.96 11.63 5.58
C CYS E 64 11.28 10.86 5.54
N GLU E 65 11.39 9.88 6.43
CA GLU E 65 12.58 9.03 6.46
C GLU E 65 12.80 8.27 5.16
N ALA E 66 11.75 7.63 4.63
CA ALA E 66 11.89 6.94 3.34
C ALA E 66 12.30 7.89 2.23
N ALA E 67 11.98 9.17 2.41
CA ALA E 67 12.28 10.18 1.39
C ALA E 67 13.70 10.71 1.55
N GLY E 68 14.41 10.22 2.56
CA GLY E 68 15.80 10.56 2.76
C GLY E 68 16.04 11.71 3.71
N GLY E 69 15.05 12.02 4.54
CA GLY E 69 15.17 13.09 5.52
C GLY E 69 14.43 12.75 6.81
N GLY E 70 13.84 13.77 7.43
CA GLY E 70 13.05 13.58 8.64
C GLY E 70 12.03 14.69 8.79
N LEU E 71 11.29 14.67 9.90
CA LEU E 71 10.31 15.70 10.20
C LEU E 71 10.98 17.06 10.25
N ARG E 72 12.26 17.04 10.61
CA ARG E 72 13.10 18.22 10.71
C ARG E 72 13.20 18.97 9.38
N ASP E 73 12.96 18.27 8.28
CA ASP E 73 13.07 18.88 6.94
C ASP E 73 11.75 19.46 6.41
N ILE E 74 10.67 19.30 7.18
CA ILE E 74 9.39 19.85 6.77
C ILE E 74 9.43 21.38 6.87
N VAL E 75 9.04 22.06 5.80
CA VAL E 75 9.01 23.54 5.80
C VAL E 75 7.59 24.10 5.96
N LYS E 76 6.60 23.27 5.65
CA LYS E 76 5.20 23.67 5.74
C LYS E 76 4.36 22.49 6.17
N LEU E 77 3.47 22.71 7.12
CA LEU E 77 2.64 21.63 7.62
C LEU E 77 1.19 22.10 7.65
N ASN E 78 0.30 21.36 7.02
CA ASN E 78 -1.13 21.63 7.14
C ASN E 78 -1.76 20.70 8.14
N VAL E 79 -2.45 21.26 9.13
CA VAL E 79 -3.12 20.45 10.14
C VAL E 79 -4.63 20.65 10.09
N TYR E 80 -5.35 19.55 9.87
CA TYR E 80 -6.81 19.55 9.74
C TYR E 80 -7.47 18.87 10.95
N LEU E 81 -8.39 19.57 11.61
CA LEU E 81 -9.06 19.06 12.80
C LEU E 81 -10.58 19.07 12.67
N THR E 82 -11.24 18.07 13.25
CA THR E 82 -12.70 18.03 13.27
C THR E 82 -13.24 19.01 14.32
N ASP E 83 -12.40 19.34 15.30
CA ASP E 83 -12.80 20.20 16.41
C ASP E 83 -11.60 20.98 16.94
N LEU E 84 -11.59 22.30 16.71
CA LEU E 84 -10.44 23.13 17.08
C LEU E 84 -10.15 23.21 18.58
N ALA E 85 -11.06 22.68 19.40
CA ALA E 85 -10.83 22.60 20.83
C ALA E 85 -9.59 21.77 21.13
N ASN E 86 -9.19 20.93 20.18
CA ASN E 86 -8.05 20.02 20.37
C ASN E 86 -6.68 20.63 20.08
N PHE E 87 -6.65 21.86 19.56
CA PHE E 87 -5.39 22.41 19.07
C PHE E 87 -4.24 22.58 20.06
N PRO E 88 -4.52 22.93 21.33
CA PRO E 88 -3.35 23.04 22.20
C PRO E 88 -2.63 21.70 22.35
N ILE E 89 -3.38 20.59 22.35
CA ILE E 89 -2.74 19.28 22.38
C ILE E 89 -1.85 19.12 21.14
N VAL E 90 -2.25 19.73 20.02
CA VAL E 90 -1.46 19.63 18.80
C VAL E 90 -0.11 20.32 19.00
N ASN E 91 -0.14 21.53 19.56
CA ASN E 91 1.08 22.28 19.86
C ASN E 91 1.99 21.47 20.76
N GLU E 92 1.40 20.87 21.80
CA GLU E 92 2.13 20.06 22.75
C GLU E 92 2.78 18.86 22.05
N VAL E 93 1.96 18.08 21.35
CA VAL E 93 2.46 16.88 20.70
C VAL E 93 3.52 17.23 19.67
N MET E 94 3.25 18.24 18.85
CA MET E 94 4.21 18.69 17.85
C MET E 94 5.55 19.07 18.50
N GLY E 95 5.47 19.63 19.71
CA GLY E 95 6.66 19.98 20.45
C GLY E 95 7.63 18.81 20.63
N GLN E 96 7.08 17.61 20.72
CA GLN E 96 7.90 16.42 20.92
C GLN E 96 8.55 15.95 19.62
N TYR E 97 7.92 16.25 18.49
CA TYR E 97 8.39 15.76 17.19
C TYR E 97 9.19 16.79 16.38
N PHE E 98 9.00 18.06 16.69
CA PHE E 98 9.71 19.12 16.00
C PHE E 98 10.50 19.96 17.00
N GLN E 99 11.70 20.40 16.60
CA GLN E 99 12.46 21.36 17.38
C GLN E 99 12.64 22.64 16.55
N ALA E 100 12.72 23.79 17.23
CA ALA E 100 12.97 25.04 16.54
C ALA E 100 14.20 24.84 15.65
N PRO E 101 14.17 25.37 14.42
CA PRO E 101 13.13 26.18 13.78
C PRO E 101 11.88 25.39 13.36
N TYR E 102 10.73 25.79 13.88
CA TYR E 102 9.46 25.15 13.54
C TYR E 102 9.04 25.46 12.10
N PRO E 103 8.33 24.51 11.48
CA PRO E 103 7.86 24.78 10.11
C PRO E 103 6.74 25.81 10.06
N ALA E 104 6.48 26.36 8.89
CA ALA E 104 5.27 27.13 8.67
C ALA E 104 4.07 26.19 8.86
N ARG E 105 2.92 26.73 9.24
CA ARG E 105 1.78 25.90 9.60
C ARG E 105 0.44 26.59 9.31
N ALA E 106 -0.52 25.82 8.81
CA ALA E 106 -1.90 26.26 8.73
C ALA E 106 -2.72 25.27 9.53
N ALA E 107 -3.57 25.77 10.41
CA ALA E 107 -4.43 24.92 11.23
C ALA E 107 -5.88 25.24 10.94
N ILE E 108 -6.65 24.25 10.50
CA ILE E 108 -7.99 24.49 10.00
C ILE E 108 -8.99 23.52 10.62
N GLY E 109 -10.13 24.05 11.04
CA GLY E 109 -11.22 23.23 11.55
C GLY E 109 -12.13 22.82 10.41
N ILE E 110 -12.17 21.52 10.12
CA ILE E 110 -12.96 21.04 9.00
C ILE E 110 -14.13 20.17 9.46
N ASN E 111 -14.87 19.60 8.51
CA ASN E 111 -16.09 18.86 8.81
C ASN E 111 -15.85 17.37 9.09
N GLN E 112 -15.27 16.67 8.12
CA GLN E 112 -14.97 15.24 8.31
C GLN E 112 -13.64 14.83 7.69
N LEU E 113 -13.09 13.75 8.22
CA LEU E 113 -11.82 13.22 7.75
C LEU E 113 -11.96 11.73 7.44
N PRO E 114 -11.03 11.19 6.64
CA PRO E 114 -11.09 9.75 6.35
C PRO E 114 -11.12 8.93 7.63
N ARG E 115 -11.96 7.90 7.65
CA ARG E 115 -12.03 6.98 8.78
C ARG E 115 -12.47 7.66 10.06
N ALA E 116 -13.17 8.78 9.92
CA ALA E 116 -13.68 9.53 11.05
C ALA E 116 -12.55 9.96 11.99
N SER E 117 -11.36 10.14 11.42
CA SER E 117 -10.21 10.60 12.19
C SER E 117 -10.49 11.99 12.77
N LEU E 118 -9.81 12.31 13.88
CA LEU E 118 -9.93 13.60 14.52
C LEU E 118 -8.89 14.59 14.01
N ILE E 119 -7.85 14.06 13.40
CA ILE E 119 -6.74 14.88 12.90
C ILE E 119 -6.11 14.26 11.65
N GLU E 120 -5.73 15.12 10.71
CA GLU E 120 -4.95 14.73 9.55
C GLU E 120 -3.91 15.81 9.27
N ALA E 121 -2.71 15.40 8.91
CA ALA E 121 -1.67 16.39 8.57
C ALA E 121 -0.97 16.03 7.28
N ASP E 122 -0.65 17.04 6.49
CA ASP E 122 0.22 16.82 5.33
C ASP E 122 1.23 17.95 5.29
N GLY E 123 2.06 18.00 4.27
CA GLY E 123 2.99 19.11 4.17
C GLY E 123 4.01 19.00 3.07
N ILE E 124 5.01 19.86 3.16
CA ILE E 124 6.10 19.93 2.20
C ILE E 124 7.45 19.86 2.94
N MET E 125 8.33 19.02 2.42
CA MET E 125 9.65 18.80 2.98
C MET E 125 10.67 19.32 1.98
N VAL E 126 11.75 19.91 2.50
CA VAL E 126 12.88 20.25 1.64
C VAL E 126 14.14 19.76 2.33
N ILE E 127 14.91 18.92 1.66
CA ILE E 127 16.13 18.35 2.24
C ILE E 127 17.36 19.23 2.02
N THR F 2 18.77 -17.86 -14.15
CA THR F 2 18.00 -17.44 -15.31
C THR F 2 17.97 -18.54 -16.38
N ASN F 3 18.98 -19.42 -16.35
CA ASN F 3 18.99 -20.59 -17.22
C ASN F 3 17.87 -21.52 -16.76
N LYS F 4 16.76 -21.52 -17.52
CA LYS F 4 15.54 -22.21 -17.12
C LYS F 4 15.36 -23.54 -17.85
N ALA F 5 15.54 -24.65 -17.14
CA ALA F 5 15.38 -25.96 -17.75
C ALA F 5 14.03 -26.58 -17.43
N ILE F 6 13.33 -27.01 -18.48
CA ILE F 6 12.07 -27.73 -18.31
C ILE F 6 12.38 -29.19 -18.08
N ILE F 7 11.87 -29.74 -16.99
CA ILE F 7 12.08 -31.16 -16.71
C ILE F 7 10.91 -31.97 -17.26
N HIS F 8 11.20 -33.09 -17.91
CA HIS F 8 10.13 -33.99 -18.33
C HIS F 8 10.52 -35.44 -18.23
N SER F 9 9.66 -36.24 -17.60
CA SER F 9 9.87 -37.67 -17.50
C SER F 9 8.73 -38.41 -18.20
N ASP F 10 9.06 -39.38 -19.05
CA ASP F 10 8.02 -40.20 -19.66
C ASP F 10 7.36 -41.08 -18.59
N ASN F 11 7.97 -41.16 -17.41
CA ASN F 11 7.44 -42.01 -16.34
C ASN F 11 6.60 -41.28 -15.30
N ALA F 12 6.33 -40.01 -15.57
CA ALA F 12 5.38 -39.22 -14.79
C ALA F 12 4.27 -38.80 -15.74
N PRO F 13 3.08 -38.50 -15.19
CA PRO F 13 1.97 -38.07 -16.05
C PRO F 13 2.35 -36.86 -16.89
N ALA F 14 1.92 -36.87 -18.15
CA ALA F 14 2.15 -35.74 -19.03
C ALA F 14 1.55 -34.49 -18.40
N ALA F 15 2.23 -33.36 -18.57
CA ALA F 15 1.73 -32.11 -18.05
C ALA F 15 0.75 -31.55 -19.08
N ILE F 16 -0.54 -31.77 -18.85
CA ILE F 16 -1.57 -31.33 -19.80
C ILE F 16 -2.00 -29.92 -19.48
N GLY F 17 -1.86 -29.02 -20.46
CA GLY F 17 -2.22 -27.63 -20.24
C GLY F 17 -1.02 -26.75 -19.93
N THR F 18 -1.26 -25.60 -19.33
CA THR F 18 -0.22 -24.57 -19.26
C THR F 18 0.68 -24.69 -18.02
N TYR F 19 1.35 -25.84 -17.88
CA TYR F 19 2.37 -26.03 -16.86
C TYR F 19 3.39 -27.08 -17.29
N SER F 20 4.52 -27.15 -16.58
CA SER F 20 5.56 -28.15 -16.81
C SER F 20 5.61 -29.08 -15.60
N GLN F 21 6.08 -30.30 -15.78
CA GLN F 21 6.22 -31.21 -14.62
C GLN F 21 7.13 -30.61 -13.54
N ALA F 22 8.21 -29.99 -13.98
CA ALA F 22 9.10 -29.26 -13.07
C ALA F 22 9.97 -28.28 -13.84
N VAL F 23 10.49 -27.27 -13.14
CA VAL F 23 11.42 -26.32 -13.71
C VAL F 23 12.67 -26.31 -12.86
N LYS F 24 13.83 -26.43 -13.51
CA LYS F 24 15.10 -26.41 -12.82
C LYS F 24 15.80 -25.09 -13.07
N VAL F 25 16.24 -24.42 -12.01
CA VAL F 25 17.05 -23.22 -12.16
C VAL F 25 18.21 -23.33 -11.20
N ASN F 26 19.42 -23.28 -11.74
CA ASN F 26 20.61 -23.50 -10.94
C ASN F 26 20.50 -24.77 -10.13
N ASN F 27 20.58 -24.64 -8.81
CA ASN F 27 20.62 -25.81 -7.93
C ASN F 27 19.25 -26.34 -7.53
N THR F 28 18.19 -25.58 -7.84
CA THR F 28 16.87 -25.87 -7.32
C THR F 28 15.89 -26.33 -8.39
N VAL F 29 15.10 -27.36 -8.06
CA VAL F 29 14.06 -27.86 -8.96
C VAL F 29 12.70 -27.62 -8.31
N TYR F 30 11.83 -26.95 -9.02
CA TYR F 30 10.48 -26.65 -8.52
C TYR F 30 9.50 -27.66 -9.12
N LEU F 31 8.93 -28.51 -8.27
CA LEU F 31 8.11 -29.64 -8.70
C LEU F 31 6.63 -29.28 -8.74
N SER F 32 5.95 -29.55 -9.86
CA SER F 32 4.51 -29.36 -9.91
C SER F 32 3.79 -30.35 -8.99
N GLY F 33 2.55 -30.02 -8.68
CA GLY F 33 1.72 -30.95 -7.92
C GLY F 33 1.46 -32.23 -8.72
N GLN F 34 1.67 -33.37 -8.08
CA GLN F 34 1.36 -34.67 -8.67
C GLN F 34 0.15 -35.27 -7.96
N ILE F 35 -0.78 -35.80 -8.74
CA ILE F 35 -1.92 -36.55 -8.23
C ILE F 35 -1.75 -38.04 -8.61
N PRO F 36 -2.66 -38.90 -8.15
CA PRO F 36 -2.48 -40.34 -8.36
C PRO F 36 -2.82 -40.84 -9.77
N LEU F 37 -2.39 -40.10 -10.78
CA LEU F 37 -2.58 -40.53 -12.16
C LEU F 37 -1.57 -41.59 -12.54
N ASP F 38 -2.04 -42.58 -13.29
CA ASP F 38 -1.17 -43.57 -13.95
C ASP F 38 -0.69 -42.94 -15.25
N PRO F 39 0.62 -42.79 -15.42
CA PRO F 39 1.16 -42.11 -16.60
C PRO F 39 0.74 -42.75 -17.91
N VAL F 40 0.55 -44.07 -17.91
CA VAL F 40 0.19 -44.80 -19.13
C VAL F 40 -1.25 -44.57 -19.57
N THR F 41 -2.17 -44.61 -18.61
CA THR F 41 -3.59 -44.47 -18.89
C THR F 41 -4.10 -43.04 -18.79
N MET F 42 -3.37 -42.21 -18.05
CA MET F 42 -3.84 -40.86 -17.70
C MET F 42 -5.24 -40.88 -17.05
N GLN F 43 -5.45 -41.90 -16.23
CA GLN F 43 -6.60 -41.98 -15.33
C GLN F 43 -6.04 -42.29 -13.94
N LEU F 44 -6.79 -41.96 -12.90
CA LEU F 44 -6.37 -42.32 -11.54
C LEU F 44 -6.17 -43.82 -11.43
N VAL F 45 -5.18 -44.23 -10.64
CA VAL F 45 -5.03 -45.64 -10.32
C VAL F 45 -6.23 -46.07 -9.48
N GLU F 46 -6.67 -47.32 -9.63
CA GLU F 46 -7.71 -47.81 -8.74
C GLU F 46 -7.07 -48.53 -7.55
N GLY F 47 -7.61 -48.27 -6.37
CA GLY F 47 -7.08 -48.83 -5.15
C GLY F 47 -7.45 -47.94 -3.97
N ASP F 48 -7.12 -48.38 -2.77
CA ASP F 48 -7.43 -47.61 -1.57
C ASP F 48 -6.51 -46.40 -1.45
N PHE F 49 -6.71 -45.61 -0.41
CA PHE F 49 -5.95 -44.37 -0.28
C PHE F 49 -4.45 -44.63 -0.33
N ALA F 50 -3.98 -45.72 0.28
CA ALA F 50 -2.56 -46.01 0.28
C ALA F 50 -2.04 -46.17 -1.16
N VAL F 51 -2.83 -46.85 -1.99
CA VAL F 51 -2.46 -47.02 -3.40
C VAL F 51 -2.38 -45.65 -4.09
N GLN F 52 -3.29 -44.76 -3.74
CA GLN F 52 -3.28 -43.39 -4.28
C GLN F 52 -1.98 -42.69 -3.91
N ALA F 53 -1.63 -42.74 -2.63
CA ALA F 53 -0.43 -42.09 -2.14
C ALA F 53 0.83 -42.68 -2.77
N HIS F 54 0.89 -44.01 -2.89
CA HIS F 54 2.01 -44.65 -3.57
C HIS F 54 2.22 -44.07 -4.98
N GLN F 55 1.13 -43.93 -5.72
CA GLN F 55 1.23 -43.42 -7.09
C GLN F 55 1.78 -41.99 -7.10
N VAL F 56 1.36 -41.19 -6.13
CA VAL F 56 1.85 -39.80 -6.04
C VAL F 56 3.35 -39.79 -5.87
N PHE F 57 3.87 -40.64 -4.99
CA PHE F 57 5.30 -40.69 -4.77
C PHE F 57 6.09 -41.26 -5.94
N LYS F 58 5.56 -42.29 -6.59
CA LYS F 58 6.20 -42.80 -7.80
C LYS F 58 6.26 -41.70 -8.87
N ASN F 59 5.17 -40.95 -8.99
CA ASN F 59 5.13 -39.86 -9.95
C ASN F 59 6.19 -38.78 -9.61
N LEU F 60 6.28 -38.38 -8.35
CA LEU F 60 7.28 -37.41 -7.97
C LEU F 60 8.68 -38.00 -8.20
N ARG F 61 8.84 -39.29 -7.91
CA ARG F 61 10.14 -39.93 -8.07
C ARG F 61 10.63 -39.79 -9.52
N ALA F 62 9.74 -40.08 -10.46
CA ALA F 62 10.07 -40.00 -11.88
C ALA F 62 10.51 -38.59 -12.27
N VAL F 63 9.79 -37.58 -11.80
CA VAL F 63 10.19 -36.21 -12.08
C VAL F 63 11.56 -35.88 -11.49
N CYS F 64 11.77 -36.24 -10.23
CA CYS F 64 13.07 -36.07 -9.59
C CYS F 64 14.19 -36.76 -10.38
N GLU F 65 13.92 -37.98 -10.85
CA GLU F 65 14.91 -38.72 -11.63
C GLU F 65 15.24 -38.01 -12.94
N ALA F 66 14.21 -37.50 -13.61
CA ALA F 66 14.39 -36.74 -14.82
C ALA F 66 15.20 -35.47 -14.55
N ALA F 67 15.14 -34.99 -13.30
CA ALA F 67 15.85 -33.76 -12.94
C ALA F 67 17.26 -34.06 -12.45
N GLY F 68 17.65 -35.33 -12.47
CA GLY F 68 19.02 -35.72 -12.16
C GLY F 68 19.24 -36.21 -10.74
N GLY F 69 18.15 -36.47 -10.03
CA GLY F 69 18.26 -36.88 -8.64
C GLY F 69 17.22 -37.91 -8.24
N GLY F 70 16.67 -37.74 -7.04
CA GLY F 70 15.68 -38.68 -6.53
C GLY F 70 14.86 -38.04 -5.42
N LEU F 71 13.99 -38.83 -4.80
CA LEU F 71 13.14 -38.31 -3.74
C LEU F 71 13.99 -37.84 -2.56
N ARG F 72 15.18 -38.40 -2.43
CA ARG F 72 16.06 -38.03 -1.33
C ARG F 72 16.56 -36.58 -1.48
N ASP F 73 16.36 -35.99 -2.66
CA ASP F 73 16.85 -34.63 -2.90
C ASP F 73 15.77 -33.59 -2.65
N ILE F 74 14.56 -34.04 -2.37
CA ILE F 74 13.48 -33.13 -2.02
C ILE F 74 13.80 -32.50 -0.66
N VAL F 75 13.70 -31.18 -0.58
CA VAL F 75 13.94 -30.45 0.67
C VAL F 75 12.64 -29.96 1.29
N LYS F 76 11.57 -29.90 0.49
CA LYS F 76 10.27 -29.50 1.00
C LYS F 76 9.15 -30.19 0.24
N LEU F 77 8.19 -30.72 0.98
CA LEU F 77 7.08 -31.41 0.36
C LEU F 77 5.78 -30.82 0.91
N ASN F 78 4.89 -30.40 0.01
CA ASN F 78 3.56 -29.98 0.41
C ASN F 78 2.55 -31.07 0.10
N VAL F 79 1.80 -31.49 1.10
CA VAL F 79 0.84 -32.57 0.91
C VAL F 79 -0.56 -32.03 1.13
N TYR F 80 -1.42 -32.17 0.13
CA TYR F 80 -2.80 -31.73 0.24
C TYR F 80 -3.74 -32.92 0.25
N LEU F 81 -4.61 -32.98 1.25
CA LEU F 81 -5.55 -34.09 1.36
C LEU F 81 -6.97 -33.58 1.44
N THR F 82 -7.90 -34.29 0.81
CA THR F 82 -9.30 -33.94 0.97
C THR F 82 -9.81 -34.32 2.36
N ASP F 83 -9.12 -35.25 3.01
CA ASP F 83 -9.51 -35.68 4.35
C ASP F 83 -8.29 -36.02 5.20
N LEU F 84 -8.10 -35.26 6.27
CA LEU F 84 -6.92 -35.40 7.13
C LEU F 84 -6.88 -36.73 7.90
N ALA F 85 -8.01 -37.41 7.98
CA ALA F 85 -8.04 -38.77 8.53
C ALA F 85 -7.08 -39.70 7.78
N ASN F 86 -6.75 -39.34 6.54
CA ASN F 86 -5.85 -40.18 5.77
C ASN F 86 -4.37 -39.92 6.03
N PHE F 87 -4.08 -38.94 6.89
CA PHE F 87 -2.67 -38.57 7.02
C PHE F 87 -1.73 -39.64 7.61
N PRO F 88 -2.19 -40.40 8.61
CA PRO F 88 -1.35 -41.51 9.11
C PRO F 88 -0.87 -42.41 7.98
N ILE F 89 -1.75 -42.75 7.06
CA ILE F 89 -1.38 -43.58 5.91
C ILE F 89 -0.34 -42.89 5.04
N VAL F 90 -0.51 -41.59 4.83
CA VAL F 90 0.49 -40.83 4.09
C VAL F 90 1.83 -40.96 4.77
N ASN F 91 1.84 -40.76 6.08
CA ASN F 91 3.09 -40.86 6.81
C ASN F 91 3.70 -42.26 6.71
N GLU F 92 2.85 -43.27 6.71
CA GLU F 92 3.30 -44.65 6.56
C GLU F 92 3.88 -44.88 5.16
N VAL F 93 3.13 -44.48 4.14
CA VAL F 93 3.60 -44.63 2.75
C VAL F 93 4.88 -43.84 2.48
N MET F 94 4.91 -42.58 2.91
CA MET F 94 6.14 -41.78 2.76
C MET F 94 7.35 -42.54 3.29
N GLY F 95 7.16 -43.17 4.44
CA GLY F 95 8.23 -43.92 5.08
C GLY F 95 8.86 -44.96 4.18
N GLN F 96 8.16 -45.34 3.12
CA GLN F 96 8.66 -46.36 2.21
C GLN F 96 9.43 -45.74 1.05
N TYR F 97 9.31 -44.42 0.91
CA TYR F 97 9.95 -43.70 -0.18
C TYR F 97 11.08 -42.79 0.30
N PHE F 98 10.95 -42.28 1.51
CA PHE F 98 11.95 -41.38 2.07
C PHE F 98 12.60 -42.03 3.28
N GLN F 99 13.89 -41.75 3.45
CA GLN F 99 14.61 -42.16 4.64
C GLN F 99 15.22 -40.92 5.28
N ALA F 100 15.48 -40.99 6.58
CA ALA F 100 16.25 -39.92 7.23
C ALA F 100 17.52 -39.65 6.44
N PRO F 101 17.85 -38.37 6.22
CA PRO F 101 17.15 -37.17 6.72
C PRO F 101 15.92 -36.81 5.89
N TYR F 102 14.81 -36.57 6.57
CA TYR F 102 13.53 -36.28 5.92
C TYR F 102 13.42 -34.82 5.44
N PRO F 103 12.57 -34.57 4.44
CA PRO F 103 12.37 -33.19 3.97
C PRO F 103 11.49 -32.38 4.92
N ALA F 104 11.54 -31.05 4.81
CA ALA F 104 10.55 -30.24 5.49
C ALA F 104 9.20 -30.60 4.88
N ARG F 105 8.12 -30.42 5.61
CA ARG F 105 6.82 -30.80 5.07
C ARG F 105 5.69 -29.91 5.59
N ALA F 106 4.62 -29.81 4.82
CA ALA F 106 3.40 -29.21 5.31
C ALA F 106 2.23 -30.07 4.86
N ALA F 107 1.28 -30.30 5.75
CA ALA F 107 0.13 -31.12 5.40
C ALA F 107 -1.16 -30.36 5.67
N ILE F 108 -1.96 -30.19 4.63
CA ILE F 108 -3.15 -29.35 4.72
C ILE F 108 -4.38 -30.11 4.24
N GLY F 109 -5.48 -29.99 4.98
CA GLY F 109 -6.75 -30.57 4.59
C GLY F 109 -7.50 -29.56 3.76
N ILE F 110 -7.67 -29.87 2.48
CA ILE F 110 -8.31 -28.94 1.56
C ILE F 110 -9.67 -29.45 1.06
N ASN F 111 -10.22 -28.81 0.02
CA ASN F 111 -11.61 -29.03 -0.39
C ASN F 111 -11.78 -29.93 -1.62
N GLN F 112 -10.95 -29.71 -2.63
CA GLN F 112 -11.05 -30.44 -3.90
C GLN F 112 -9.66 -30.58 -4.49
N LEU F 113 -9.43 -31.67 -5.22
CA LEU F 113 -8.18 -31.82 -5.94
C LEU F 113 -8.50 -32.13 -7.39
N PRO F 114 -7.51 -31.93 -8.29
CA PRO F 114 -7.73 -32.29 -9.70
C PRO F 114 -8.21 -33.74 -9.83
N ARG F 115 -9.15 -33.96 -10.74
CA ARG F 115 -9.69 -35.29 -10.99
C ARG F 115 -10.29 -35.96 -9.76
N ALA F 116 -10.75 -35.15 -8.82
CA ALA F 116 -11.33 -35.63 -7.57
C ALA F 116 -10.40 -36.59 -6.84
N SER F 117 -9.09 -36.36 -7.00
CA SER F 117 -8.06 -37.13 -6.31
C SER F 117 -8.17 -36.93 -4.79
N LEU F 118 -7.64 -37.89 -4.04
CA LEU F 118 -7.67 -37.82 -2.58
C LEU F 118 -6.41 -37.17 -2.02
N ILE F 119 -5.37 -37.11 -2.85
CA ILE F 119 -4.08 -36.56 -2.43
C ILE F 119 -3.33 -35.94 -3.60
N GLU F 120 -2.69 -34.81 -3.35
CA GLU F 120 -1.77 -34.18 -4.30
C GLU F 120 -0.56 -33.73 -3.50
N ALA F 121 0.64 -33.85 -4.08
CA ALA F 121 1.82 -33.34 -3.41
C ALA F 121 2.73 -32.66 -4.41
N ASP F 122 3.32 -31.55 -3.98
CA ASP F 122 4.31 -30.85 -4.77
C ASP F 122 5.49 -30.58 -3.87
N GLY F 123 6.52 -29.94 -4.39
CA GLY F 123 7.65 -29.63 -3.53
C GLY F 123 8.80 -28.98 -4.22
N ILE F 124 9.93 -29.00 -3.52
CA ILE F 124 11.13 -28.37 -4.00
C ILE F 124 12.30 -29.32 -3.75
N MET F 125 13.13 -29.48 -4.78
CA MET F 125 14.26 -30.40 -4.75
C MET F 125 15.52 -29.59 -4.94
N VAL F 126 16.61 -30.05 -4.35
CA VAL F 126 17.89 -29.36 -4.51
C VAL F 126 19.00 -30.37 -4.78
N ILE F 127 19.68 -30.19 -5.91
CA ILE F 127 20.83 -31.00 -6.33
C ILE F 127 20.74 -31.36 -7.81
#